data_7CY4
#
_entry.id   7CY4
#
_cell.length_a   154.677
_cell.length_b   123.573
_cell.length_c   64.206
_cell.angle_alpha   90.000
_cell.angle_beta   103.160
_cell.angle_gamma   90.000
#
_symmetry.space_group_name_H-M   'C 1 2 1'
#
loop_
_entity.id
_entity.type
_entity.pdbx_description
1 polymer 'Maltodextrin-binding protein,5-methylcytosine-modifying enzyme 1'
2 non-polymer 'FE (III) ION'
3 non-polymer 'CITRIC ACID'
4 water water
#
_entity_poly.entity_id   1
_entity_poly.type   'polypeptide(L)'
_entity_poly.pdbx_seq_one_letter_code
;MKIEEGKLVIWINGDKGYNGLAEVGKKFEKDTGIKVTVEHPDKLEEKFPQVAATGDGPDIIFWAHDRFGGYAQSGLLAEI
TPAAAFQDKLYPFTWDAVRYNGKLIAYPIAVEALSLIYNKDLLPNPPKTWEEIPALDKELKAKGKSALMFNLQEPYFTWP
LIAADGGYAFKYAAGKYDIKDVGVDNAGAKAGLTFLVDLIKNKHMNADTDYSIAEAAFNKGETAMTINGPWAWSNIDTSA
VNYGVTVLPTFKGQPSKPFVGVLSAGINAASPNKELAKEFLENYLLTDEGLEAVNKDKPLGAVALKSYEEELAKDPRIAA
TMENAQKGEIMPNIPQMSAFWYAVRTAVINAASGRQTVDAALAAAQTNAARAAAMSVALASEYQLVQNAQLPQRWSQSAR
KSLAILEATARKEATAQMEAAGGSFCGQFPVDPAFKVLSLEYSAPNPDIARAIRRVDSVPNPPLPSHVVAIQSTAVDADL
SLAMGVSLTPGRHTSYLVDARALQQSNSAAVAARKADGDKWGPACDEMFRGCRCVTGQEVVFYTAVKEPAGEVEGGEGSL
FKPSFDGPAFRPSWGELSGKATGVVACVLQVPIGKETDIICAEYDNLVSKGQFATVDRFGGDHTVNMTGNALIQNDGKAI
SKGYAVAHRARVTSNVYGKANDVSLQRLAETVWSVVEKRLSFMPAYRDLVITEQGKPFMLGATATNIISLTENQGVMLHL
DTDDGVWTIILWFHRHSGIIAGGEFVLPSLGISFQPLDFTIVVFAANTIVHGTRPLQTTGKIIRWGSSHFLRFKDVNALA
QLGAAYGVDELDAKQRDQLEEVDAANSKDGVGAARRVASCMAAERKAAIEAQKAACVRGVVMNPCTGRMPSLLFWQVWRK
PPALAVRANAVAGKKRAAADVDFCGAAAALEHHHHHH
;
_entity_poly.pdbx_strand_id   A
#
loop_
_chem_comp.id
_chem_comp.type
_chem_comp.name
_chem_comp.formula
CIT non-polymer 'CITRIC ACID' 'C6 H8 O7'
FE non-polymer 'FE (III) ION' 'Fe 3'
#
# COMPACT_ATOMS: atom_id res chain seq x y z
N LEU A 8 -26.41 -3.03 1.73
CA LEU A 8 -25.56 -2.41 0.69
C LEU A 8 -24.72 -1.26 1.18
N VAL A 9 -23.39 -1.41 1.01
CA VAL A 9 -22.41 -0.37 1.34
C VAL A 9 -21.73 0.08 0.06
N ILE A 10 -21.72 1.40 -0.15
CA ILE A 10 -21.18 2.01 -1.36
C ILE A 10 -20.12 3.05 -1.04
N TRP A 11 -18.97 2.92 -1.74
CA TRP A 11 -17.91 3.91 -1.66
C TRP A 11 -17.84 4.68 -2.97
N ILE A 12 -17.62 5.98 -2.84
CA ILE A 12 -17.59 6.96 -3.93
C ILE A 12 -16.67 8.08 -3.45
N ASN A 13 -16.08 8.80 -4.40
CA ASN A 13 -15.15 9.89 -4.07
C ASN A 13 -15.84 11.09 -3.44
N GLY A 14 -15.10 11.80 -2.58
CA GLY A 14 -15.60 12.96 -1.84
C GLY A 14 -15.97 14.18 -2.69
N ASP A 15 -15.39 14.28 -3.89
CA ASP A 15 -15.69 15.35 -4.86
C ASP A 15 -16.90 15.05 -5.77
N LYS A 16 -17.74 14.10 -5.34
CA LYS A 16 -18.99 13.77 -6.02
C LYS A 16 -20.20 14.12 -5.13
N GLY A 17 -21.40 13.99 -5.70
CA GLY A 17 -22.63 14.24 -4.97
C GLY A 17 -23.18 13.03 -4.23
N TYR A 18 -22.52 12.68 -3.12
CA TYR A 18 -22.86 11.46 -2.37
C TYR A 18 -24.15 11.57 -1.57
N ASN A 19 -24.51 12.79 -1.16
CA ASN A 19 -25.74 12.99 -0.40
C ASN A 19 -26.96 12.77 -1.29
N GLY A 20 -26.84 13.16 -2.55
CA GLY A 20 -27.88 12.92 -3.54
C GLY A 20 -28.02 11.45 -3.81
N LEU A 21 -26.86 10.78 -3.94
CA LEU A 21 -26.82 9.34 -4.06
C LEU A 21 -27.34 8.63 -2.79
N ALA A 22 -27.16 9.27 -1.62
CA ALA A 22 -27.75 8.78 -0.37
C ALA A 22 -29.27 8.92 -0.38
N GLU A 23 -29.77 9.96 -1.06
CA GLU A 23 -31.21 10.15 -1.24
C GLU A 23 -31.78 9.05 -2.13
N VAL A 24 -31.05 8.71 -3.18
CA VAL A 24 -31.38 7.60 -4.07
C VAL A 24 -31.51 6.31 -3.26
N GLY A 25 -30.56 6.10 -2.33
CA GLY A 25 -30.60 4.99 -1.40
C GLY A 25 -31.81 5.02 -0.47
N LYS A 26 -32.29 6.23 -0.16
CA LYS A 26 -33.48 6.41 0.66
C LYS A 26 -34.74 6.02 -0.09
N LYS A 27 -34.81 6.34 -1.38
CA LYS A 27 -35.94 5.88 -2.21
C LYS A 27 -35.91 4.36 -2.42
N PHE A 28 -34.71 3.76 -2.34
CA PHE A 28 -34.57 2.30 -2.40
C PHE A 28 -35.04 1.60 -1.11
N GLU A 29 -34.74 2.19 0.05
CA GLU A 29 -35.20 1.60 1.32
C GLU A 29 -36.70 1.75 1.58
N LYS A 30 -37.40 2.55 0.76
CA LYS A 30 -38.85 2.61 0.90
C LYS A 30 -39.58 1.49 0.13
N ASP A 31 -39.16 1.24 -1.11
CA ASP A 31 -39.84 0.22 -1.94
C ASP A 31 -39.46 -1.20 -1.55
N THR A 32 -38.16 -1.42 -1.28
CA THR A 32 -37.69 -2.66 -0.65
C THR A 32 -37.11 -2.36 0.74
N GLY A 33 -37.28 -3.29 1.68
CA GLY A 33 -36.83 -3.09 3.07
C GLY A 33 -35.33 -3.25 3.26
N ILE A 34 -34.56 -2.60 2.35
CA ILE A 34 -33.09 -2.74 2.31
C ILE A 34 -32.44 -1.35 2.40
N LYS A 35 -31.62 -1.14 3.44
CA LYS A 35 -30.96 0.15 3.68
C LYS A 35 -29.69 0.31 2.86
N VAL A 36 -29.47 1.53 2.36
CA VAL A 36 -28.28 1.85 1.56
C VAL A 36 -27.42 2.88 2.31
N THR A 37 -26.21 2.46 2.67
CA THR A 37 -25.29 3.32 3.43
C THR A 37 -24.09 3.73 2.56
N VAL A 38 -23.92 5.04 2.39
CA VAL A 38 -22.98 5.59 1.40
C VAL A 38 -21.84 6.36 2.07
N GLU A 39 -20.65 5.76 2.04
CA GLU A 39 -19.45 6.36 2.57
C GLU A 39 -18.61 6.96 1.45
N HIS A 40 -17.85 8.00 1.79
CA HIS A 40 -16.87 8.60 0.90
C HIS A 40 -15.48 8.49 1.52
N PRO A 41 -14.87 7.29 1.47
CA PRO A 41 -13.55 7.09 2.08
C PRO A 41 -12.45 7.88 1.37
N ASP A 42 -11.47 8.37 2.13
CA ASP A 42 -10.30 9.01 1.54
C ASP A 42 -9.35 7.95 0.96
N LYS A 43 -8.44 8.39 0.07
CA LYS A 43 -7.45 7.55 -0.64
C LYS A 43 -8.10 6.39 -1.43
N LEU A 44 -9.28 6.68 -2.00
CA LEU A 44 -10.17 5.63 -2.50
C LEU A 44 -9.55 4.80 -3.62
N GLU A 45 -8.78 5.47 -4.50
CA GLU A 45 -8.03 4.85 -5.61
C GLU A 45 -7.35 3.56 -5.19
N GLU A 46 -6.55 3.65 -4.11
CA GLU A 46 -5.74 2.55 -3.62
C GLU A 46 -6.40 1.76 -2.48
N LYS A 47 -7.32 2.38 -1.73
CA LYS A 47 -7.92 1.70 -0.58
C LYS A 47 -8.89 0.58 -0.99
N PHE A 48 -9.60 0.73 -2.12
CA PHE A 48 -10.46 -0.36 -2.62
C PHE A 48 -9.70 -1.65 -2.98
N PRO A 49 -8.63 -1.60 -3.82
CA PRO A 49 -7.91 -2.86 -4.16
C PRO A 49 -7.19 -3.52 -2.97
N GLN A 50 -6.86 -2.74 -1.93
CA GLN A 50 -6.29 -3.28 -0.70
C GLN A 50 -7.32 -4.04 0.16
N VAL A 51 -8.52 -3.47 0.36
CA VAL A 51 -9.56 -4.07 1.21
C VAL A 51 -10.43 -5.11 0.49
N ALA A 52 -10.68 -4.91 -0.80
CA ALA A 52 -11.48 -5.86 -1.61
C ALA A 52 -10.75 -7.18 -1.80
N ALA A 53 -9.42 -7.13 -1.92
CA ALA A 53 -8.55 -8.32 -1.97
C ALA A 53 -8.82 -9.27 -0.81
N THR A 54 -9.10 -8.70 0.38
CA THR A 54 -9.44 -9.45 1.59
C THR A 54 -10.97 -9.52 1.79
N PRO A 58 -16.75 -2.08 0.49
CA PRO A 58 -18.11 -1.81 0.02
C PRO A 58 -18.60 -2.82 -1.03
N ASP A 59 -19.93 -2.99 -1.15
CA ASP A 59 -20.51 -3.84 -2.20
C ASP A 59 -20.49 -3.16 -3.58
N ILE A 60 -20.49 -1.82 -3.58
CA ILE A 60 -20.52 -1.04 -4.81
C ILE A 60 -19.40 0.00 -4.70
N ILE A 61 -18.66 0.15 -5.79
CA ILE A 61 -17.56 1.11 -5.90
C ILE A 61 -17.72 2.02 -7.12
N PHE A 62 -17.51 3.31 -6.89
CA PHE A 62 -17.68 4.34 -7.91
C PHE A 62 -16.34 4.93 -8.29
N TRP A 63 -15.85 4.59 -9.48
CA TRP A 63 -14.60 5.14 -9.97
C TRP A 63 -14.56 5.10 -11.49
N ALA A 64 -13.63 5.87 -12.05
CA ALA A 64 -13.32 5.88 -13.47
C ALA A 64 -13.05 4.47 -13.98
N HIS A 65 -13.59 4.19 -15.17
CA HIS A 65 -13.59 2.85 -15.75
C HIS A 65 -12.18 2.29 -15.92
N ASP A 66 -11.19 3.17 -16.11
CA ASP A 66 -9.81 2.76 -16.44
C ASP A 66 -9.15 1.92 -15.36
N ARG A 67 -9.46 2.19 -14.09
CA ARG A 67 -8.90 1.42 -12.98
C ARG A 67 -9.60 0.09 -12.77
N PHE A 68 -10.83 -0.05 -13.29
CA PHE A 68 -11.62 -1.26 -13.11
C PHE A 68 -11.08 -2.45 -13.91
N GLY A 69 -10.35 -2.19 -15.00
CA GLY A 69 -9.65 -3.27 -15.70
C GLY A 69 -8.65 -3.98 -14.80
N GLY A 70 -7.88 -3.19 -14.03
CA GLY A 70 -6.96 -3.74 -13.05
C GLY A 70 -7.64 -4.55 -11.96
N TYR A 71 -8.77 -4.04 -11.46
CA TYR A 71 -9.56 -4.76 -10.45
C TYR A 71 -10.07 -6.08 -11.01
N ALA A 72 -10.55 -6.05 -12.26
CA ALA A 72 -11.02 -7.25 -12.95
C ALA A 72 -9.92 -8.32 -13.05
N GLN A 73 -8.69 -7.90 -13.40
CA GLN A 73 -7.55 -8.83 -13.47
C GLN A 73 -7.31 -9.53 -12.14
N SER A 74 -7.58 -8.81 -11.06
CA SER A 74 -7.45 -9.32 -9.69
C SER A 74 -8.76 -9.94 -9.16
N GLY A 75 -9.77 -10.10 -10.01
CA GLY A 75 -11.05 -10.71 -9.64
C GLY A 75 -11.78 -10.05 -8.48
N LEU A 76 -11.69 -8.71 -8.40
CA LEU A 76 -12.31 -7.95 -7.32
C LEU A 76 -13.70 -7.43 -7.67
N LEU A 77 -14.17 -7.77 -8.87
CA LEU A 77 -15.48 -7.30 -9.36
C LEU A 77 -16.35 -8.47 -9.85
N ALA A 78 -17.66 -8.28 -9.74
CA ALA A 78 -18.64 -9.24 -10.24
C ALA A 78 -18.94 -8.97 -11.70
N GLU A 79 -19.18 -10.03 -12.46
CA GLU A 79 -19.67 -9.90 -13.83
C GLU A 79 -21.13 -9.42 -13.77
N ILE A 80 -21.38 -8.29 -14.41
CA ILE A 80 -22.72 -7.72 -14.51
C ILE A 80 -23.41 -8.34 -15.73
N THR A 81 -24.68 -8.74 -15.54
CA THR A 81 -25.49 -9.39 -16.59
C THR A 81 -26.77 -8.59 -16.88
N PRO A 82 -26.67 -7.49 -17.66
CA PRO A 82 -27.88 -6.74 -17.96
C PRO A 82 -28.64 -7.31 -19.17
N ALA A 83 -29.96 -7.21 -19.13
CA ALA A 83 -30.80 -7.56 -20.28
C ALA A 83 -30.51 -6.58 -21.41
N ALA A 84 -30.47 -7.11 -22.65
CA ALA A 84 -30.23 -6.28 -23.85
C ALA A 84 -31.22 -5.11 -23.96
N ALA A 85 -32.38 -5.24 -23.30
CA ALA A 85 -33.37 -4.16 -23.19
C ALA A 85 -32.90 -3.04 -22.27
N PHE A 86 -32.16 -3.37 -21.21
CA PHE A 86 -31.56 -2.33 -20.36
C PHE A 86 -30.29 -1.71 -20.96
N GLN A 87 -29.50 -2.52 -21.67
CA GLN A 87 -28.32 -2.02 -22.37
C GLN A 87 -28.64 -0.93 -23.39
N ASP A 88 -29.87 -0.93 -23.93
CA ASP A 88 -30.32 0.06 -24.91
C ASP A 88 -30.54 1.46 -24.31
N LYS A 89 -30.77 1.53 -22.99
CA LYS A 89 -30.86 2.80 -22.26
C LYS A 89 -29.53 3.57 -22.14
N LEU A 90 -28.42 2.92 -22.51
CA LEU A 90 -27.09 3.51 -22.39
C LEU A 90 -26.37 3.52 -23.73
N TYR A 91 -25.60 4.59 -23.98
CA TYR A 91 -24.78 4.70 -25.19
C TYR A 91 -23.84 3.49 -25.31
N PRO A 92 -23.73 2.88 -26.51
CA PRO A 92 -22.95 1.64 -26.64
C PRO A 92 -21.48 1.76 -26.31
N PHE A 93 -20.85 2.92 -26.62
CA PHE A 93 -19.42 3.11 -26.27
C PHE A 93 -19.17 3.05 -24.76
N THR A 94 -20.14 3.53 -23.96
CA THR A 94 -19.98 3.46 -22.50
C THR A 94 -19.97 2.02 -21.99
N TRP A 95 -20.56 1.09 -22.74
CA TRP A 95 -20.49 -0.32 -22.40
C TRP A 95 -19.12 -0.91 -22.71
N ASP A 96 -18.48 -0.44 -23.78
CA ASP A 96 -17.10 -0.83 -24.07
C ASP A 96 -16.16 -0.41 -22.95
N ALA A 97 -16.47 0.71 -22.30
CA ALA A 97 -15.65 1.24 -21.20
C ALA A 97 -15.52 0.26 -20.06
N VAL A 98 -16.53 -0.59 -19.91
CA VAL A 98 -16.67 -1.42 -18.73
C VAL A 98 -16.60 -2.91 -19.12
N ARG A 99 -15.96 -3.18 -20.23
CA ARG A 99 -15.76 -4.55 -20.69
C ARG A 99 -14.31 -4.94 -20.47
N TYR A 100 -14.08 -5.91 -19.58
CA TYR A 100 -12.78 -6.53 -19.45
C TYR A 100 -12.82 -7.98 -19.92
N ASN A 101 -11.97 -8.29 -20.92
CA ASN A 101 -11.84 -9.63 -21.49
C ASN A 101 -13.24 -10.23 -21.81
N GLY A 102 -13.96 -9.55 -22.70
CA GLY A 102 -15.27 -10.01 -23.18
C GLY A 102 -16.43 -9.96 -22.21
N LYS A 103 -16.18 -9.58 -20.94
CA LYS A 103 -17.22 -9.57 -19.90
C LYS A 103 -17.46 -8.16 -19.35
N LEU A 104 -18.73 -7.85 -19.07
CA LEU A 104 -19.12 -6.57 -18.46
C LEU A 104 -18.85 -6.58 -16.96
N ILE A 105 -18.10 -5.58 -16.49
CA ILE A 105 -17.57 -5.56 -15.11
C ILE A 105 -18.08 -4.41 -14.25
N ALA A 106 -18.84 -3.48 -14.83
CA ALA A 106 -19.42 -2.34 -14.12
C ALA A 106 -20.54 -1.69 -14.93
N TYR A 107 -21.26 -0.79 -14.26
CA TYR A 107 -22.30 0.01 -14.88
C TYR A 107 -21.77 1.41 -15.19
N PRO A 108 -21.85 1.86 -16.46
CA PRO A 108 -21.50 3.24 -16.81
C PRO A 108 -22.47 4.23 -16.19
N ILE A 109 -21.95 5.36 -15.72
CA ILE A 109 -22.76 6.40 -15.07
C ILE A 109 -22.60 7.72 -15.81
N ALA A 110 -21.37 8.21 -15.86
CA ALA A 110 -21.10 9.50 -16.46
C ALA A 110 -19.93 9.41 -17.43
N VAL A 111 -19.85 10.40 -18.31
CA VAL A 111 -18.86 10.45 -19.35
C VAL A 111 -18.16 11.79 -19.24
N GLU A 112 -16.86 11.77 -19.39
CA GLU A 112 -16.07 12.94 -19.10
C GLU A 112 -14.88 13.02 -20.05
N ALA A 113 -14.69 14.19 -20.62
CA ALA A 113 -13.57 14.43 -21.52
C ALA A 113 -13.29 15.94 -21.55
N LEU A 114 -12.07 16.29 -21.94
CA LEU A 114 -11.64 17.68 -22.10
C LEU A 114 -12.41 18.36 -23.22
N SER A 115 -12.64 19.66 -23.06
CA SER A 115 -13.21 20.48 -24.12
C SER A 115 -12.42 21.75 -24.24
N LEU A 116 -12.71 22.51 -25.28
CA LEU A 116 -12.19 23.86 -25.42
C LEU A 116 -13.11 24.79 -24.65
N ILE A 117 -12.51 25.59 -23.77
CA ILE A 117 -13.25 26.58 -23.01
C ILE A 117 -12.77 27.95 -23.48
N TYR A 118 -13.71 28.84 -23.80
CA TYR A 118 -13.33 30.14 -24.36
C TYR A 118 -14.08 31.28 -23.71
N ASN A 119 -13.41 32.44 -23.61
CA ASN A 119 -14.01 33.68 -23.15
C ASN A 119 -14.72 34.40 -24.30
N LYS A 120 -16.04 34.51 -24.19
CA LYS A 120 -16.91 35.03 -25.27
C LYS A 120 -16.63 36.49 -25.65
N ASP A 121 -16.27 37.30 -24.67
CA ASP A 121 -16.01 38.71 -24.89
C ASP A 121 -14.68 38.96 -25.59
N LEU A 122 -13.70 38.09 -25.36
CA LEU A 122 -12.43 38.21 -26.03
C LEU A 122 -12.47 37.47 -27.35
N LEU A 123 -13.42 36.55 -27.48
CA LEU A 123 -13.36 35.56 -28.55
C LEU A 123 -14.76 35.02 -28.84
N PRO A 124 -15.60 35.78 -29.58
CA PRO A 124 -16.95 35.31 -29.89
C PRO A 124 -17.00 34.04 -30.76
N ASN A 125 -16.09 33.91 -31.74
CA ASN A 125 -16.03 32.76 -32.65
C ASN A 125 -14.74 32.01 -32.45
N PRO A 126 -14.74 30.97 -31.59
CA PRO A 126 -13.52 30.23 -31.29
C PRO A 126 -13.00 29.46 -32.49
N PRO A 127 -11.67 29.28 -32.61
CA PRO A 127 -11.08 28.66 -33.78
C PRO A 127 -11.54 27.22 -33.92
N LYS A 128 -11.90 26.83 -35.15
CA LYS A 128 -12.18 25.42 -35.44
C LYS A 128 -10.90 24.58 -35.46
N THR A 129 -9.76 25.23 -35.72
CA THR A 129 -8.50 24.52 -35.99
C THR A 129 -7.40 25.04 -35.09
N TRP A 130 -6.47 24.14 -34.74
CA TRP A 130 -5.24 24.53 -34.06
C TRP A 130 -4.39 25.45 -34.92
N GLU A 131 -4.42 25.25 -36.24
CA GLU A 131 -3.58 25.98 -37.19
C GLU A 131 -3.82 27.49 -37.18
N GLU A 132 -5.02 27.94 -36.81
CA GLU A 132 -5.30 29.38 -36.74
C GLU A 132 -5.00 30.02 -35.37
N ILE A 133 -4.51 29.23 -34.41
CA ILE A 133 -4.19 29.76 -33.08
C ILE A 133 -2.97 30.69 -33.05
N PRO A 134 -1.88 30.35 -33.77
CA PRO A 134 -0.77 31.33 -33.70
C PRO A 134 -1.13 32.71 -34.29
N ALA A 135 -1.89 32.73 -35.39
CA ALA A 135 -2.39 34.01 -35.95
C ALA A 135 -3.26 34.75 -34.95
N LEU A 136 -4.13 33.99 -34.29
CA LEU A 136 -5.03 34.48 -33.26
C LEU A 136 -4.28 34.96 -32.02
N ASP A 137 -3.14 34.37 -31.74
CA ASP A 137 -2.34 34.85 -30.64
C ASP A 137 -1.72 36.20 -31.00
N LYS A 138 -1.38 36.39 -32.27
CA LYS A 138 -0.88 37.69 -32.74
C LYS A 138 -1.88 38.79 -32.42
N GLU A 139 -3.13 38.64 -32.88
CA GLU A 139 -4.20 39.62 -32.66
C GLU A 139 -4.37 39.96 -31.19
N LEU A 140 -4.45 38.92 -30.35
CA LEU A 140 -4.66 39.07 -28.93
C LEU A 140 -3.51 39.76 -28.20
N LYS A 141 -2.28 39.46 -28.65
CA LYS A 141 -1.06 40.01 -28.08
C LYS A 141 -1.01 41.54 -28.13
N ALA A 142 -1.68 42.13 -29.13
CA ALA A 142 -1.87 43.58 -29.24
C ALA A 142 -2.50 44.15 -27.96
N LYS A 143 -3.54 43.49 -27.42
CA LYS A 143 -4.26 44.02 -26.26
C LYS A 143 -3.70 43.53 -24.93
N GLY A 144 -2.56 42.82 -25.01
CA GLY A 144 -1.94 42.26 -23.81
C GLY A 144 -2.73 41.09 -23.26
N LYS A 145 -3.27 40.24 -24.16
CA LYS A 145 -3.95 38.99 -23.72
C LYS A 145 -3.42 37.80 -24.55
N SER A 146 -3.55 36.56 -24.05
CA SER A 146 -3.08 35.41 -24.82
C SER A 146 -4.23 34.63 -25.43
N ALA A 147 -3.96 33.95 -26.53
CA ALA A 147 -4.97 33.13 -27.18
C ALA A 147 -5.37 31.92 -26.36
N LEU A 148 -4.37 31.16 -25.89
CA LEU A 148 -4.64 29.87 -25.27
C LEU A 148 -3.66 29.61 -24.15
N MET A 149 -4.18 29.12 -23.03
CA MET A 149 -3.33 28.70 -21.93
C MET A 149 -3.93 27.48 -21.25
N PHE A 150 -3.20 26.36 -21.29
CA PHE A 150 -3.60 25.13 -20.61
C PHE A 150 -2.42 24.39 -20.01
N ASN A 151 -2.74 23.41 -19.18
CA ASN A 151 -1.75 22.66 -18.42
C ASN A 151 -0.86 21.83 -19.33
N LEU A 152 0.34 22.33 -19.60
CA LEU A 152 1.29 21.62 -20.45
C LEU A 152 2.10 20.58 -19.69
N GLN A 153 1.94 20.50 -18.37
CA GLN A 153 2.76 19.61 -17.55
C GLN A 153 2.30 18.16 -17.54
N GLU A 154 1.00 17.92 -17.72
CA GLU A 154 0.48 16.56 -17.66
C GLU A 154 -0.01 16.14 -19.03
N PRO A 155 0.46 14.99 -19.52
CA PRO A 155 0.15 14.57 -20.90
C PRO A 155 -1.32 14.23 -21.14
N TYR A 156 -2.10 13.99 -20.09
CA TYR A 156 -3.56 13.94 -20.23
C TYR A 156 -4.09 15.15 -21.00
N PHE A 157 -3.51 16.34 -20.75
CA PHE A 157 -3.95 17.58 -21.40
C PHE A 157 -3.37 17.83 -22.79
N THR A 158 -2.13 17.39 -23.05
CA THR A 158 -1.50 17.66 -24.34
C THR A 158 -1.74 16.56 -25.37
N TRP A 159 -2.03 15.35 -24.87
CA TRP A 159 -2.34 14.22 -25.75
C TRP A 159 -3.45 14.47 -26.79
N PRO A 160 -4.56 15.15 -26.45
CA PRO A 160 -5.59 15.40 -27.49
C PRO A 160 -5.00 15.87 -28.83
N LEU A 161 -4.07 16.82 -28.78
CA LEU A 161 -3.39 17.34 -29.96
C LEU A 161 -2.49 16.26 -30.59
N ILE A 162 -1.62 15.65 -29.78
CA ILE A 162 -0.65 14.66 -30.24
C ILE A 162 -1.33 13.47 -30.95
N ALA A 163 -2.51 13.11 -30.50
CA ALA A 163 -3.21 11.95 -31.05
C ALA A 163 -3.98 12.24 -32.33
N ALA A 164 -4.23 13.52 -32.62
CA ALA A 164 -5.15 13.93 -33.68
C ALA A 164 -4.82 13.30 -35.04
N ASP A 165 -3.55 13.29 -35.40
CA ASP A 165 -3.13 12.83 -36.72
C ASP A 165 -2.65 11.37 -36.71
N GLY A 166 -3.14 10.58 -35.77
CA GLY A 166 -2.58 9.25 -35.52
C GLY A 166 -1.73 9.31 -34.27
N GLY A 167 -1.48 8.15 -33.69
CA GLY A 167 -0.88 8.16 -32.37
C GLY A 167 -1.92 7.70 -31.37
N TYR A 168 -1.51 6.77 -30.52
CA TYR A 168 -2.39 6.05 -29.60
C TYR A 168 -1.49 5.45 -28.53
N ALA A 169 -2.07 5.07 -27.39
CA ALA A 169 -1.28 4.46 -26.32
C ALA A 169 -0.89 3.03 -26.68
N PHE A 170 -1.85 2.12 -26.64
CA PHE A 170 -1.64 0.71 -27.00
C PHE A 170 -2.70 0.34 -28.03
N LYS A 171 -2.33 -0.54 -28.95
CA LYS A 171 -3.20 -0.97 -30.03
C LYS A 171 -4.33 -1.86 -29.50
N TYR A 172 -5.58 -1.46 -29.75
CA TYR A 172 -6.76 -2.28 -29.39
C TYR A 172 -7.11 -3.19 -30.56
N ALA A 173 -7.45 -4.44 -30.24
CA ALA A 173 -7.82 -5.45 -31.22
C ALA A 173 -8.35 -6.69 -30.50
N ALA A 174 -9.53 -7.15 -30.94
CA ALA A 174 -10.18 -8.35 -30.41
C ALA A 174 -10.45 -8.26 -28.90
N GLY A 175 -11.02 -7.13 -28.49
CA GLY A 175 -11.34 -6.89 -27.09
C GLY A 175 -10.18 -6.72 -26.13
N LYS A 176 -8.95 -6.65 -26.66
CA LYS A 176 -7.72 -6.62 -25.87
C LYS A 176 -6.76 -5.52 -26.35
N TYR A 177 -6.02 -4.95 -25.40
CA TYR A 177 -4.93 -4.01 -25.72
C TYR A 177 -3.63 -4.78 -25.87
N ASP A 178 -2.93 -4.56 -26.97
CA ASP A 178 -1.63 -5.19 -27.21
C ASP A 178 -0.51 -4.36 -26.58
N ILE A 179 -0.03 -4.79 -25.41
CA ILE A 179 0.93 -3.98 -24.66
C ILE A 179 2.26 -3.81 -25.38
N LYS A 180 2.49 -4.58 -26.45
CA LYS A 180 3.72 -4.49 -27.22
C LYS A 180 3.67 -3.46 -28.36
N ASP A 181 2.47 -3.08 -28.77
CA ASP A 181 2.28 -2.18 -29.89
C ASP A 181 1.91 -0.78 -29.35
N VAL A 182 2.95 0.04 -29.13
CA VAL A 182 2.78 1.42 -28.63
C VAL A 182 2.75 2.34 -29.84
N GLY A 183 1.88 3.35 -29.80
CA GLY A 183 1.74 4.24 -30.95
C GLY A 183 2.23 5.65 -30.70
N VAL A 184 3.29 5.76 -29.90
CA VAL A 184 3.87 7.06 -29.57
C VAL A 184 4.75 7.59 -30.70
N ASP A 185 5.37 6.68 -31.43
CA ASP A 185 6.47 6.96 -32.37
C ASP A 185 6.12 7.32 -33.82
N ASN A 186 4.87 7.15 -34.24
CA ASN A 186 4.49 7.43 -35.61
C ASN A 186 4.52 8.91 -36.02
N ALA A 187 4.34 9.13 -37.32
CA ALA A 187 4.39 10.47 -37.89
C ALA A 187 3.26 11.37 -37.41
N GLY A 188 2.10 10.77 -37.20
CA GLY A 188 0.95 11.50 -36.67
C GLY A 188 1.25 12.11 -35.32
N ALA A 189 1.86 11.32 -34.45
CA ALA A 189 2.23 11.81 -33.13
C ALA A 189 3.30 12.90 -33.23
N LYS A 190 4.34 12.67 -34.05
CA LYS A 190 5.43 13.65 -34.24
C LYS A 190 4.90 14.99 -34.74
N ALA A 191 4.02 14.94 -35.74
CA ALA A 191 3.36 16.14 -36.23
C ALA A 191 2.67 16.90 -35.09
N GLY A 192 1.81 16.21 -34.34
CA GLY A 192 1.08 16.87 -33.25
C GLY A 192 2.01 17.55 -32.24
N LEU A 193 3.02 16.82 -31.78
CA LEU A 193 3.94 17.35 -30.78
C LEU A 193 4.79 18.46 -31.35
N THR A 194 5.18 18.32 -32.62
CA THR A 194 5.92 19.38 -33.30
C THR A 194 5.10 20.66 -33.27
N PHE A 195 3.81 20.57 -33.61
CA PHE A 195 2.98 21.74 -33.55
C PHE A 195 2.94 22.34 -32.15
N LEU A 196 2.85 21.49 -31.12
CA LEU A 196 2.81 21.99 -29.76
C LEU A 196 4.05 22.80 -29.39
N VAL A 197 5.23 22.19 -29.58
CA VAL A 197 6.49 22.88 -29.30
C VAL A 197 6.72 24.10 -30.18
N ASP A 198 6.28 24.06 -31.43
CA ASP A 198 6.32 25.26 -32.29
C ASP A 198 5.61 26.45 -31.68
N LEU A 199 4.43 26.24 -31.09
CA LEU A 199 3.71 27.29 -30.37
C LEU A 199 4.52 27.86 -29.21
N ILE A 200 5.37 27.04 -28.60
CA ILE A 200 6.23 27.48 -27.52
C ILE A 200 7.42 28.26 -28.06
N LYS A 201 8.07 27.73 -29.10
CA LYS A 201 9.23 28.38 -29.72
C LYS A 201 8.84 29.61 -30.54
N ASN A 202 7.55 29.85 -30.74
CA ASN A 202 7.06 31.10 -31.33
C ASN A 202 6.41 32.01 -30.27
N LYS A 203 6.71 31.76 -29.00
CA LYS A 203 6.28 32.55 -27.82
C LYS A 203 4.76 32.58 -27.51
N HIS A 204 3.95 31.87 -28.31
CA HIS A 204 2.49 31.83 -28.15
C HIS A 204 2.09 31.15 -26.84
N MET A 205 2.76 30.05 -26.53
CA MET A 205 2.56 29.34 -25.27
C MET A 205 3.86 29.27 -24.50
N ASN A 206 3.73 29.36 -23.18
CA ASN A 206 4.84 29.30 -22.25
C ASN A 206 5.04 27.85 -21.76
N ALA A 207 6.23 27.28 -22.00
CA ALA A 207 6.54 25.88 -21.65
C ALA A 207 6.44 25.56 -20.14
N ASP A 208 6.36 26.59 -19.31
CA ASP A 208 6.21 26.47 -17.87
C ASP A 208 4.74 26.40 -17.40
N THR A 209 3.79 26.76 -18.27
CA THR A 209 2.37 26.83 -17.88
C THR A 209 1.87 25.48 -17.32
N ASP A 210 1.30 25.51 -16.10
CA ASP A 210 0.73 24.32 -15.48
C ASP A 210 -0.79 24.45 -15.26
N TYR A 211 -1.35 23.55 -14.45
CA TYR A 211 -2.77 23.62 -14.11
C TYR A 211 -3.19 24.96 -13.52
N SER A 212 -2.53 25.38 -12.43
CA SER A 212 -2.87 26.59 -11.69
C SER A 212 -2.68 27.87 -12.50
N ILE A 213 -1.51 27.99 -13.14
CA ILE A 213 -1.26 29.13 -14.03
C ILE A 213 -2.38 29.31 -15.07
N ALA A 214 -2.74 28.22 -15.77
CA ALA A 214 -3.73 28.29 -16.85
C ALA A 214 -5.11 28.61 -16.31
N GLU A 215 -5.43 28.04 -15.15
CA GLU A 215 -6.72 28.25 -14.53
C GLU A 215 -6.86 29.66 -13.97
N ALA A 216 -5.77 30.21 -13.46
CA ALA A 216 -5.73 31.61 -13.01
C ALA A 216 -5.98 32.53 -14.21
N ALA A 217 -5.16 32.35 -15.26
CA ALA A 217 -5.17 33.24 -16.43
C ALA A 217 -6.54 33.33 -17.12
N PHE A 218 -7.19 32.18 -17.29
CA PHE A 218 -8.49 32.15 -17.96
C PHE A 218 -9.57 32.78 -17.09
N ASN A 219 -9.57 32.45 -15.78
CA ASN A 219 -10.60 32.95 -14.86
C ASN A 219 -10.46 34.43 -14.49
N LYS A 220 -9.35 35.07 -14.88
CA LYS A 220 -9.12 36.49 -14.69
C LYS A 220 -9.27 37.29 -15.99
N GLY A 221 -9.48 36.59 -17.11
CA GLY A 221 -9.64 37.23 -18.40
C GLY A 221 -8.35 37.56 -19.13
N GLU A 222 -7.27 36.84 -18.83
CA GLU A 222 -5.96 37.10 -19.42
C GLU A 222 -5.69 36.28 -20.68
N THR A 223 -6.33 35.13 -20.80
CA THR A 223 -6.23 34.31 -21.99
C THR A 223 -7.62 34.01 -22.54
N ALA A 224 -7.73 33.87 -23.85
CA ALA A 224 -9.02 33.75 -24.50
C ALA A 224 -9.58 32.33 -24.39
N MET A 225 -8.70 31.34 -24.39
CA MET A 225 -9.11 29.96 -24.34
C MET A 225 -8.30 29.18 -23.31
N THR A 226 -8.93 28.17 -22.73
CA THR A 226 -8.25 27.15 -21.96
C THR A 226 -8.79 25.78 -22.39
N ILE A 227 -8.10 24.73 -21.95
CA ILE A 227 -8.52 23.36 -22.20
C ILE A 227 -8.70 22.67 -20.85
N ASN A 228 -9.94 22.29 -20.55
CA ASN A 228 -10.22 21.65 -19.27
C ASN A 228 -11.46 20.75 -19.34
N GLY A 229 -11.70 20.04 -18.23
CA GLY A 229 -12.86 19.16 -18.13
C GLY A 229 -13.97 19.74 -17.25
N PRO A 230 -15.07 18.97 -17.11
CA PRO A 230 -16.25 19.42 -16.34
C PRO A 230 -16.00 19.76 -14.87
N TRP A 231 -14.99 19.17 -14.25
CA TRP A 231 -14.64 19.49 -12.86
C TRP A 231 -14.22 20.95 -12.66
N ALA A 232 -13.86 21.64 -13.75
CA ALA A 232 -13.37 23.00 -13.67
C ALA A 232 -14.46 24.07 -13.78
N TRP A 233 -15.69 23.67 -14.15
CA TRP A 233 -16.75 24.64 -14.48
C TRP A 233 -17.18 25.47 -13.29
N SER A 234 -17.27 24.81 -12.14
CA SER A 234 -17.62 25.42 -10.87
C SER A 234 -16.82 26.69 -10.59
N ASN A 235 -15.50 26.59 -10.74
CA ASN A 235 -14.60 27.72 -10.51
C ASN A 235 -14.84 28.86 -11.48
N ILE A 236 -14.96 28.55 -12.77
CA ILE A 236 -15.26 29.59 -13.76
C ILE A 236 -16.59 30.25 -13.45
N ASP A 237 -17.54 29.48 -12.92
CA ASP A 237 -18.87 29.97 -12.56
C ASP A 237 -18.83 31.10 -11.54
N THR A 238 -17.75 31.17 -10.75
CA THR A 238 -17.57 32.21 -9.72
C THR A 238 -16.86 33.47 -10.24
N SER A 239 -16.34 33.44 -11.47
CA SER A 239 -15.60 34.56 -12.04
C SER A 239 -16.50 35.51 -12.82
N ALA A 240 -15.93 36.64 -13.26
CA ALA A 240 -16.60 37.60 -14.14
C ALA A 240 -16.58 37.16 -15.61
N VAL A 241 -16.02 35.99 -15.90
CA VAL A 241 -15.84 35.53 -17.27
C VAL A 241 -17.16 35.03 -17.85
N ASN A 242 -17.52 35.54 -19.03
CA ASN A 242 -18.55 34.92 -19.84
C ASN A 242 -17.91 33.94 -20.80
N TYR A 243 -18.26 32.66 -20.64
CA TYR A 243 -17.55 31.60 -21.34
C TYR A 243 -18.46 30.56 -21.93
N GLY A 244 -17.96 29.91 -22.97
CA GLY A 244 -18.61 28.78 -23.56
C GLY A 244 -17.70 27.57 -23.51
N VAL A 245 -18.24 26.44 -23.94
CA VAL A 245 -17.52 25.18 -23.95
C VAL A 245 -17.86 24.54 -25.28
N THR A 246 -16.83 24.19 -26.06
CA THR A 246 -17.07 23.77 -27.42
C THR A 246 -16.12 22.64 -27.83
N VAL A 247 -16.31 22.15 -29.06
CA VAL A 247 -15.45 21.14 -29.66
C VAL A 247 -13.99 21.59 -29.61
N LEU A 248 -13.09 20.66 -29.37
CA LEU A 248 -11.67 20.97 -29.43
C LEU A 248 -11.26 21.27 -30.88
N PRO A 249 -10.29 22.19 -31.09
CA PRO A 249 -9.80 22.46 -32.46
C PRO A 249 -9.29 21.21 -33.15
N THR A 250 -9.52 21.15 -34.46
CA THR A 250 -8.99 20.08 -35.29
C THR A 250 -7.50 20.33 -35.56
N PHE A 251 -6.82 19.31 -36.07
CA PHE A 251 -5.41 19.43 -36.46
C PHE A 251 -5.17 18.58 -37.69
N LYS A 252 -4.61 19.21 -38.74
CA LYS A 252 -4.57 18.61 -40.09
C LYS A 252 -5.97 18.07 -40.42
N GLY A 253 -6.99 18.87 -40.10
CA GLY A 253 -8.38 18.52 -40.36
C GLY A 253 -8.96 17.33 -39.61
N GLN A 254 -8.21 16.75 -38.68
CA GLN A 254 -8.77 15.66 -37.88
C GLN A 254 -9.13 16.15 -36.48
N PRO A 255 -10.14 15.51 -35.85
CA PRO A 255 -10.54 15.91 -34.49
C PRO A 255 -9.41 15.66 -33.52
N SER A 256 -9.17 16.62 -32.61
CA SER A 256 -8.38 16.36 -31.40
C SER A 256 -8.99 15.16 -30.69
N LYS A 257 -8.13 14.29 -30.14
CA LYS A 257 -8.57 13.02 -29.57
C LYS A 257 -8.29 12.93 -28.06
N PRO A 258 -9.16 13.53 -27.23
CA PRO A 258 -8.91 13.45 -25.81
C PRO A 258 -9.27 12.06 -25.27
N PHE A 259 -8.67 11.69 -24.14
CA PHE A 259 -9.09 10.48 -23.46
C PHE A 259 -10.45 10.65 -22.76
N VAL A 260 -11.25 9.59 -22.85
CA VAL A 260 -12.60 9.57 -22.28
C VAL A 260 -12.54 8.76 -20.98
N GLY A 261 -13.04 9.35 -19.90
CA GLY A 261 -13.16 8.67 -18.63
C GLY A 261 -14.64 8.48 -18.35
N VAL A 262 -15.03 7.24 -18.08
CA VAL A 262 -16.42 6.88 -17.81
C VAL A 262 -16.52 6.53 -16.34
N LEU A 263 -17.12 7.41 -15.55
CA LEU A 263 -17.38 7.10 -14.14
C LEU A 263 -18.34 5.91 -14.09
N SER A 264 -17.94 4.87 -13.37
CA SER A 264 -18.65 3.60 -13.39
C SER A 264 -18.87 3.05 -11.98
N ALA A 265 -19.88 2.20 -11.88
CA ALA A 265 -20.24 1.54 -10.63
C ALA A 265 -20.04 0.03 -10.78
N GLY A 266 -19.06 -0.49 -10.04
CA GLY A 266 -18.76 -1.92 -10.05
C GLY A 266 -19.22 -2.59 -8.78
N ILE A 267 -19.65 -3.84 -8.91
CA ILE A 267 -20.07 -4.63 -7.76
C ILE A 267 -18.91 -5.52 -7.29
N ASN A 268 -18.64 -5.50 -5.97
CA ASN A 268 -17.63 -6.33 -5.30
C ASN A 268 -17.87 -7.84 -5.52
N ALA A 269 -16.83 -8.54 -5.99
CA ALA A 269 -16.90 -9.99 -6.21
C ALA A 269 -17.13 -10.78 -4.92
N ALA A 270 -16.67 -10.22 -3.79
CA ALA A 270 -16.84 -10.83 -2.46
C ALA A 270 -18.10 -10.32 -1.73
N SER A 271 -19.04 -9.72 -2.46
CA SER A 271 -20.31 -9.29 -1.85
C SER A 271 -21.35 -10.40 -1.91
N PRO A 272 -22.12 -10.60 -0.82
CA PRO A 272 -23.26 -11.54 -0.85
C PRO A 272 -24.54 -10.93 -1.48
N ASN A 273 -24.43 -9.68 -1.93
CA ASN A 273 -25.57 -8.79 -2.21
C ASN A 273 -25.73 -8.47 -3.71
N LYS A 274 -25.41 -9.45 -4.56
CA LYS A 274 -25.29 -9.24 -6.01
C LYS A 274 -26.62 -8.93 -6.71
N GLU A 275 -27.64 -9.74 -6.44
CA GLU A 275 -28.94 -9.58 -7.11
C GLU A 275 -29.79 -8.42 -6.55
N LEU A 276 -29.34 -7.80 -5.44
CA LEU A 276 -30.01 -6.63 -4.88
C LEU A 276 -29.22 -5.33 -5.07
N ALA A 277 -27.97 -5.43 -5.52
CA ALA A 277 -27.24 -4.28 -6.05
C ALA A 277 -27.54 -4.08 -7.54
N LYS A 278 -27.73 -5.19 -8.26
CA LYS A 278 -28.24 -5.20 -9.64
C LYS A 278 -29.61 -4.50 -9.77
N GLU A 279 -30.50 -4.78 -8.82
CA GLU A 279 -31.81 -4.13 -8.72
C GLU A 279 -31.67 -2.63 -8.45
N PHE A 280 -30.76 -2.26 -7.54
CA PHE A 280 -30.58 -0.87 -7.13
C PHE A 280 -30.02 0.01 -8.24
N LEU A 281 -28.97 -0.46 -8.93
CA LEU A 281 -28.32 0.36 -9.95
C LEU A 281 -29.11 0.44 -11.27
N GLU A 282 -29.69 -0.68 -11.70
CA GLU A 282 -30.49 -0.69 -12.93
C GLU A 282 -31.79 0.08 -12.77
N ASN A 283 -32.36 0.07 -11.56
CA ASN A 283 -33.72 0.58 -11.38
C ASN A 283 -33.89 1.81 -10.49
N TYR A 284 -32.83 2.25 -9.81
CA TYR A 284 -32.96 3.38 -8.89
C TYR A 284 -31.97 4.51 -9.14
N LEU A 285 -30.78 4.18 -9.65
CA LEU A 285 -29.77 5.18 -10.03
C LEU A 285 -29.74 5.48 -11.53
N LEU A 286 -29.74 4.44 -12.36
CA LEU A 286 -29.75 4.64 -13.80
C LEU A 286 -31.16 4.95 -14.31
N THR A 287 -31.75 6.00 -13.75
CA THR A 287 -33.02 6.56 -14.18
C THR A 287 -32.90 8.07 -14.13
N ASP A 288 -33.79 8.75 -14.86
CA ASP A 288 -33.75 10.21 -14.97
C ASP A 288 -33.84 10.88 -13.59
N GLU A 289 -34.79 10.45 -12.75
CA GLU A 289 -34.89 10.94 -11.38
C GLU A 289 -33.70 10.50 -10.51
N GLY A 290 -33.21 9.28 -10.75
CA GLY A 290 -32.02 8.78 -10.06
C GLY A 290 -30.76 9.61 -10.30
N LEU A 291 -30.44 9.86 -11.57
CA LEU A 291 -29.25 10.64 -11.89
C LEU A 291 -29.40 12.13 -11.58
N GLU A 292 -30.61 12.68 -11.73
CA GLU A 292 -30.87 14.09 -11.43
C GLU A 292 -30.72 14.37 -9.94
N ALA A 293 -31.25 13.45 -9.11
CA ALA A 293 -31.04 13.51 -7.67
C ALA A 293 -29.56 13.72 -7.37
N VAL A 294 -28.72 12.95 -8.07
CA VAL A 294 -27.27 13.02 -7.91
C VAL A 294 -26.69 14.27 -8.54
N ASN A 295 -27.29 14.72 -9.64
CA ASN A 295 -26.83 15.91 -10.36
C ASN A 295 -27.11 17.21 -9.61
N LYS A 296 -28.20 17.21 -8.84
CA LYS A 296 -28.54 18.35 -7.97
C LYS A 296 -27.46 18.56 -6.90
N ASP A 297 -27.01 17.45 -6.29
CA ASP A 297 -25.94 17.42 -5.30
C ASP A 297 -24.61 17.94 -5.87
N LYS A 298 -24.26 17.45 -7.08
CA LYS A 298 -23.00 17.77 -7.74
C LYS A 298 -23.17 17.53 -9.23
N PRO A 299 -22.50 18.32 -10.10
CA PRO A 299 -22.59 18.07 -11.55
C PRO A 299 -21.94 16.75 -11.93
N LEU A 300 -22.56 16.06 -12.90
CA LEU A 300 -22.02 14.82 -13.46
C LEU A 300 -21.33 15.03 -14.78
N GLY A 301 -21.60 16.16 -15.41
CA GLY A 301 -21.18 16.37 -16.79
C GLY A 301 -22.11 15.60 -17.70
N ALA A 302 -21.55 14.98 -18.73
CA ALA A 302 -22.33 14.11 -19.60
C ALA A 302 -22.61 12.79 -18.88
N VAL A 303 -23.78 12.21 -19.13
CA VAL A 303 -24.15 10.92 -18.52
C VAL A 303 -24.31 9.85 -19.58
N ALA A 304 -24.18 8.59 -19.15
CA ALA A 304 -24.32 7.40 -20.00
C ALA A 304 -25.78 7.03 -20.34
N LEU A 305 -26.74 7.49 -19.53
CA LEU A 305 -28.15 7.16 -19.71
C LEU A 305 -28.78 8.04 -20.78
N LYS A 306 -29.17 7.42 -21.90
CA LYS A 306 -29.58 8.17 -23.09
C LYS A 306 -30.65 9.20 -22.78
N SER A 307 -31.63 8.80 -21.96
CA SER A 307 -32.81 9.63 -21.72
C SER A 307 -32.45 10.89 -20.96
N TYR A 308 -31.64 10.74 -19.91
CA TYR A 308 -31.25 11.89 -19.10
C TYR A 308 -30.20 12.77 -19.79
N GLU A 309 -29.33 12.14 -20.60
CA GLU A 309 -28.33 12.89 -21.36
C GLU A 309 -28.97 13.87 -22.34
N GLU A 310 -30.11 13.48 -22.92
CA GLU A 310 -30.86 14.34 -23.84
C GLU A 310 -31.39 15.58 -23.15
N GLU A 311 -31.64 15.47 -21.85
CA GLU A 311 -32.08 16.60 -21.04
C GLU A 311 -30.90 17.49 -20.66
N LEU A 312 -29.79 16.88 -20.28
CA LEU A 312 -28.57 17.63 -19.94
C LEU A 312 -27.94 18.31 -21.14
N ALA A 313 -28.01 17.67 -22.31
CA ALA A 313 -27.46 18.21 -23.57
C ALA A 313 -28.09 19.54 -23.99
N LYS A 314 -29.20 19.93 -23.36
CA LYS A 314 -29.75 21.28 -23.49
C LYS A 314 -28.75 22.32 -23.03
N ASP A 315 -27.87 21.95 -22.11
CA ASP A 315 -26.75 22.78 -21.70
C ASP A 315 -25.61 22.57 -22.72
N PRO A 316 -25.19 23.63 -23.44
CA PRO A 316 -24.18 23.48 -24.50
C PRO A 316 -22.88 22.85 -24.01
N ARG A 317 -22.49 23.20 -22.78
CA ARG A 317 -21.28 22.63 -22.18
C ARG A 317 -21.33 21.12 -22.13
N ILE A 318 -22.49 20.56 -21.84
CA ILE A 318 -22.65 19.12 -21.74
C ILE A 318 -22.62 18.47 -23.11
N ALA A 319 -23.33 19.05 -24.07
CA ALA A 319 -23.26 18.60 -25.46
C ALA A 319 -21.83 18.61 -25.96
N ALA A 320 -21.08 19.67 -25.63
CA ALA A 320 -19.70 19.79 -26.07
C ALA A 320 -18.82 18.69 -25.46
N THR A 321 -19.12 18.31 -24.22
CA THR A 321 -18.38 17.25 -23.56
C THR A 321 -18.61 15.91 -24.27
N MET A 322 -19.87 15.62 -24.58
CA MET A 322 -20.24 14.37 -25.24
C MET A 322 -19.69 14.34 -26.67
N GLU A 323 -19.79 15.47 -27.38
CA GLU A 323 -19.15 15.60 -28.69
C GLU A 323 -17.64 15.30 -28.64
N ASN A 324 -16.89 16.01 -27.78
CA ASN A 324 -15.45 15.74 -27.64
C ASN A 324 -15.20 14.31 -27.19
N ALA A 325 -16.09 13.77 -26.35
CA ALA A 325 -15.96 12.38 -25.92
C ALA A 325 -16.10 11.40 -27.07
N GLN A 326 -17.05 11.65 -27.98
CA GLN A 326 -17.28 10.72 -29.08
C GLN A 326 -16.17 10.79 -30.13
N LYS A 327 -15.60 11.98 -30.33
CA LYS A 327 -14.42 12.13 -31.18
C LYS A 327 -13.14 11.61 -30.53
N GLY A 328 -13.16 11.35 -29.24
CA GLY A 328 -11.96 10.97 -28.53
C GLY A 328 -11.75 9.47 -28.47
N GLU A 329 -10.83 9.08 -27.62
CA GLU A 329 -10.52 7.67 -27.41
C GLU A 329 -10.79 7.34 -25.96
N ILE A 330 -11.36 6.19 -25.73
CA ILE A 330 -11.64 5.74 -24.39
C ILE A 330 -10.35 5.30 -23.72
N MET A 331 -10.16 5.66 -22.46
CA MET A 331 -8.87 5.36 -21.86
C MET A 331 -8.70 3.87 -21.64
N PRO A 332 -7.56 3.30 -22.09
CA PRO A 332 -7.32 1.88 -21.86
C PRO A 332 -7.45 1.54 -20.38
N ASN A 333 -8.15 0.45 -20.11
CA ASN A 333 -8.38 0.00 -18.73
C ASN A 333 -7.37 -1.06 -18.29
N ILE A 334 -6.09 -0.79 -18.52
CA ILE A 334 -5.03 -1.70 -18.08
C ILE A 334 -4.02 -0.95 -17.20
N PRO A 335 -3.35 -1.66 -16.29
CA PRO A 335 -2.35 -1.00 -15.42
C PRO A 335 -1.15 -0.41 -16.15
N GLN A 336 -0.80 -0.96 -17.31
CA GLN A 336 0.37 -0.46 -18.04
C GLN A 336 0.21 0.96 -18.61
N MET A 337 -0.96 1.59 -18.46
CA MET A 337 -1.08 2.99 -18.81
C MET A 337 -0.10 3.88 -18.05
N SER A 338 0.33 3.44 -16.86
CA SER A 338 1.30 4.21 -16.07
C SER A 338 2.66 4.29 -16.78
N ALA A 339 3.06 3.21 -17.46
CA ALA A 339 4.27 3.26 -18.29
C ALA A 339 4.09 4.25 -19.44
N PHE A 340 2.94 4.19 -20.09
CA PHE A 340 2.63 5.11 -21.17
C PHE A 340 2.71 6.56 -20.67
N TRP A 341 2.05 6.85 -19.56
CA TRP A 341 1.95 8.22 -19.05
C TRP A 341 3.31 8.79 -18.69
N TYR A 342 4.12 8.03 -17.96
CA TYR A 342 5.43 8.51 -17.51
C TYR A 342 6.33 8.81 -18.71
N ALA A 343 6.38 7.88 -19.66
CA ALA A 343 7.22 8.02 -20.82
C ALA A 343 6.82 9.26 -21.62
N VAL A 344 5.52 9.43 -21.86
CA VAL A 344 5.03 10.57 -22.62
C VAL A 344 5.20 11.88 -21.84
N ARG A 345 5.00 11.84 -20.52
CA ARG A 345 5.22 13.05 -19.71
C ARG A 345 6.65 13.56 -19.87
N THR A 346 7.63 12.66 -19.81
CA THR A 346 9.04 12.98 -19.99
C THR A 346 9.29 13.52 -21.41
N ALA A 347 8.80 12.81 -22.41
CA ALA A 347 8.93 13.25 -23.80
C ALA A 347 8.44 14.67 -24.01
N VAL A 348 7.24 15.00 -23.51
CA VAL A 348 6.70 16.35 -23.69
C VAL A 348 7.50 17.39 -22.91
N ILE A 349 7.91 17.08 -21.67
CA ILE A 349 8.70 18.04 -20.92
C ILE A 349 10.05 18.30 -21.59
N ASN A 350 10.71 17.22 -22.04
CA ASN A 350 11.97 17.37 -22.77
C ASN A 350 11.84 18.13 -24.08
N ALA A 351 10.89 17.73 -24.94
CA ALA A 351 10.73 18.39 -26.22
C ALA A 351 10.38 19.86 -26.07
N ALA A 352 9.59 20.20 -25.04
CA ALA A 352 9.12 21.57 -24.85
C ALA A 352 10.22 22.45 -24.29
N SER A 353 11.15 21.85 -23.55
CA SER A 353 12.30 22.56 -23.01
C SER A 353 13.51 22.57 -23.95
N GLY A 354 13.43 21.89 -25.09
CA GLY A 354 14.55 21.74 -26.02
C GLY A 354 15.63 20.76 -25.55
N ARG A 355 15.41 20.07 -24.44
CA ARG A 355 16.32 19.01 -23.97
C ARG A 355 16.33 17.80 -24.93
N GLN A 356 15.31 17.67 -25.76
CA GLN A 356 15.30 16.67 -26.83
C GLN A 356 14.58 17.21 -28.06
N THR A 357 15.01 16.75 -29.21
CA THR A 357 14.20 16.84 -30.41
C THR A 357 12.85 16.15 -30.18
N VAL A 358 11.80 16.67 -30.82
CA VAL A 358 10.53 15.97 -30.87
C VAL A 358 10.77 14.53 -31.30
N ASP A 359 11.43 14.34 -32.43
CA ASP A 359 11.78 13.03 -32.93
C ASP A 359 12.50 12.18 -31.89
N ALA A 360 13.53 12.76 -31.25
CA ALA A 360 14.27 12.01 -30.22
C ALA A 360 13.37 11.69 -29.02
N ALA A 361 12.52 12.64 -28.62
CA ALA A 361 11.69 12.46 -27.42
C ALA A 361 10.68 11.33 -27.58
N LEU A 362 9.97 11.34 -28.70
CA LEU A 362 8.98 10.31 -28.99
C LEU A 362 9.64 8.98 -29.30
N ALA A 363 10.84 9.00 -29.89
CA ALA A 363 11.59 7.76 -30.11
C ALA A 363 11.88 7.07 -28.77
N ALA A 364 12.34 7.86 -27.80
CA ALA A 364 12.70 7.32 -26.50
C ALA A 364 11.44 6.94 -25.73
N ALA A 365 10.40 7.79 -25.79
CA ALA A 365 9.13 7.46 -25.11
C ALA A 365 8.59 6.09 -25.58
N GLN A 366 8.54 5.89 -26.88
CA GLN A 366 8.05 4.64 -27.45
C GLN A 366 8.81 3.44 -26.90
N THR A 367 10.15 3.51 -26.97
CA THR A 367 10.99 2.42 -26.50
C THR A 367 10.83 2.21 -24.99
N ASN A 368 10.77 3.29 -24.22
CA ASN A 368 10.71 3.17 -22.76
C ASN A 368 9.39 2.61 -22.28
N ALA A 369 8.29 3.11 -22.85
CA ALA A 369 6.95 2.66 -22.49
C ALA A 369 6.79 1.18 -22.82
N ALA A 370 7.11 0.80 -24.05
CA ALA A 370 7.14 -0.61 -24.41
C ALA A 370 7.92 -1.45 -23.39
N ARG A 371 9.12 -0.97 -23.00
CA ARG A 371 9.99 -1.73 -22.10
C ARG A 371 9.37 -1.85 -20.69
N ALA A 372 8.89 -0.73 -20.16
CA ALA A 372 8.30 -0.71 -18.83
C ALA A 372 7.01 -1.54 -18.74
N ALA A 373 6.18 -1.48 -19.78
CA ALA A 373 4.96 -2.30 -19.86
C ALA A 373 5.28 -3.79 -19.84
N ALA A 374 6.31 -4.19 -20.59
CA ALA A 374 6.80 -5.57 -20.59
C ALA A 374 7.27 -6.02 -19.22
N MET A 375 8.11 -5.21 -18.56
CA MET A 375 8.65 -5.51 -17.24
C MET A 375 7.55 -5.68 -16.20
N SER A 376 6.53 -4.82 -16.24
CA SER A 376 5.43 -4.91 -15.28
C SER A 376 4.70 -6.23 -15.40
N VAL A 377 4.51 -6.71 -16.63
CA VAL A 377 3.93 -8.05 -16.82
C VAL A 377 4.84 -9.15 -16.27
N ALA A 378 6.15 -9.06 -16.54
CA ALA A 378 7.13 -9.97 -15.95
C ALA A 378 7.06 -9.97 -14.41
N LEU A 379 7.04 -8.79 -13.80
CA LEU A 379 6.91 -8.69 -12.35
C LEU A 379 5.61 -9.29 -11.77
N ALA A 380 4.49 -9.13 -12.47
CA ALA A 380 3.23 -9.75 -12.05
C ALA A 380 3.34 -11.27 -12.01
N SER A 381 3.92 -11.86 -13.06
CA SER A 381 4.10 -13.32 -13.08
C SER A 381 5.08 -13.80 -12.01
N GLU A 382 6.07 -12.97 -11.66
CA GLU A 382 7.05 -13.34 -10.63
C GLU A 382 6.44 -13.30 -9.23
N TYR A 383 5.60 -12.28 -8.97
CA TYR A 383 4.89 -12.18 -7.71
C TYR A 383 4.10 -13.43 -7.39
N GLN A 384 3.49 -14.02 -8.40
CA GLN A 384 2.68 -15.22 -8.21
C GLN A 384 3.54 -16.36 -7.69
N LEU A 385 4.73 -16.50 -8.29
CA LEU A 385 5.69 -17.50 -7.84
C LEU A 385 6.20 -17.21 -6.43
N VAL A 386 6.29 -15.94 -6.04
CA VAL A 386 6.63 -15.58 -4.68
C VAL A 386 5.53 -16.05 -3.74
N GLN A 387 4.28 -15.64 -4.01
CA GLN A 387 3.15 -16.02 -3.16
C GLN A 387 2.97 -17.53 -3.09
N ASN A 388 3.35 -18.25 -4.13
CA ASN A 388 3.16 -19.70 -4.17
C ASN A 388 4.38 -20.51 -3.76
N ALA A 389 5.50 -19.85 -3.45
CA ALA A 389 6.75 -20.57 -3.19
C ALA A 389 6.63 -21.44 -1.94
N GLN A 390 7.31 -22.58 -1.97
CA GLN A 390 7.28 -23.54 -0.88
C GLN A 390 8.65 -23.60 -0.19
N LEU A 391 8.65 -23.97 1.09
CA LEU A 391 9.90 -24.16 1.82
C LEU A 391 10.62 -25.38 1.29
N PRO A 392 11.96 -25.39 1.40
CA PRO A 392 12.71 -26.62 1.08
C PRO A 392 12.13 -27.79 1.85
N GLN A 393 11.83 -28.86 1.14
CA GLN A 393 11.06 -29.95 1.75
C GLN A 393 11.89 -30.73 2.78
N ARG A 394 11.43 -30.69 4.02
CA ARG A 394 11.99 -31.55 5.07
C ARG A 394 10.93 -32.50 5.58
N TRP A 395 9.67 -32.21 5.31
CA TRP A 395 8.57 -33.06 5.73
C TRP A 395 8.57 -34.37 4.97
N SER A 396 8.34 -35.46 5.70
CA SER A 396 8.06 -36.79 5.17
C SER A 396 7.41 -37.60 6.29
N GLN A 397 6.70 -38.66 5.92
CA GLN A 397 6.05 -39.49 6.91
C GLN A 397 7.04 -40.13 7.89
N SER A 398 8.17 -40.63 7.38
CA SER A 398 9.23 -41.16 8.27
C SER A 398 9.80 -40.07 9.18
N ALA A 399 10.08 -38.90 8.59
CA ALA A 399 10.66 -37.78 9.33
C ALA A 399 9.74 -37.31 10.46
N ARG A 400 8.46 -37.09 10.16
CA ARG A 400 7.53 -36.63 11.19
C ARG A 400 7.33 -37.67 12.29
N LYS A 401 7.44 -38.95 11.95
CA LYS A 401 7.38 -39.99 12.96
C LYS A 401 8.60 -39.92 13.86
N SER A 402 9.79 -39.84 13.25
CA SER A 402 11.05 -39.68 13.99
C SER A 402 11.02 -38.46 14.91
N LEU A 403 10.58 -37.32 14.37
CA LEU A 403 10.51 -36.06 15.12
C LEU A 403 9.53 -36.14 16.28
N ALA A 404 8.42 -36.86 16.09
CA ALA A 404 7.42 -36.98 17.13
C ALA A 404 7.97 -37.74 18.32
N ILE A 405 8.70 -38.83 18.07
CA ILE A 405 9.42 -39.57 19.12
C ILE A 405 10.37 -38.64 19.88
N LEU A 406 11.25 -37.94 19.16
CA LEU A 406 12.15 -36.96 19.78
C LEU A 406 11.41 -35.93 20.62
N GLU A 407 10.31 -35.39 20.09
CA GLU A 407 9.51 -34.42 20.82
C GLU A 407 8.84 -35.06 22.03
N ALA A 408 8.40 -36.30 21.88
CA ALA A 408 7.78 -37.01 22.99
C ALA A 408 8.78 -37.28 24.12
N THR A 409 10.02 -37.62 23.75
CA THR A 409 11.09 -37.83 24.72
C THR A 409 11.38 -36.52 25.46
N ALA A 410 11.42 -35.43 24.71
CA ALA A 410 11.72 -34.14 25.31
C ALA A 410 10.65 -33.72 26.31
N ARG A 411 9.41 -34.18 26.09
CA ARG A 411 8.29 -33.84 26.96
C ARG A 411 8.38 -34.55 28.29
N LYS A 412 8.82 -35.81 28.26
CA LYS A 412 9.07 -36.58 29.47
C LYS A 412 10.20 -35.96 30.29
N GLU A 413 11.31 -35.60 29.63
CA GLU A 413 12.39 -34.89 30.28
C GLU A 413 11.87 -33.62 30.96
N ALA A 414 11.18 -32.76 30.21
CA ALA A 414 10.68 -31.50 30.77
C ALA A 414 9.75 -31.73 31.94
N THR A 415 8.97 -32.81 31.87
CA THR A 415 8.05 -33.15 32.94
C THR A 415 8.81 -33.61 34.19
N ALA A 416 9.86 -34.41 34.01
CA ALA A 416 10.74 -34.78 35.12
C ALA A 416 11.46 -33.56 35.72
N GLN A 417 11.89 -32.63 34.87
CA GLN A 417 12.55 -31.41 35.35
C GLN A 417 11.57 -30.62 36.19
N MET A 418 10.32 -30.52 35.72
CA MET A 418 9.27 -29.78 36.41
C MET A 418 8.92 -30.39 37.78
N GLU A 419 8.93 -31.72 37.89
CA GLU A 419 8.74 -32.41 39.17
C GLU A 419 9.88 -32.07 40.12
N ALA A 420 11.11 -32.34 39.68
CA ALA A 420 12.31 -32.09 40.46
C ALA A 420 12.45 -30.65 40.97
N ALA A 421 11.93 -29.69 40.23
CA ALA A 421 12.11 -28.31 40.58
C ALA A 421 10.94 -27.73 41.35
N GLY A 422 9.89 -28.52 41.53
CA GLY A 422 8.67 -28.01 42.15
C GLY A 422 7.76 -27.20 41.25
N GLY A 423 8.12 -26.98 40.00
CA GLY A 423 7.27 -26.23 39.09
C GLY A 423 7.94 -25.83 37.80
N SER A 424 7.22 -25.05 36.99
CA SER A 424 7.72 -24.55 35.72
C SER A 424 8.26 -23.15 35.89
N PHE A 425 9.39 -22.89 35.22
CA PHE A 425 10.08 -21.60 35.31
C PHE A 425 10.52 -21.12 33.94
N CYS A 426 10.35 -19.81 33.72
CA CYS A 426 10.99 -19.13 32.61
C CYS A 426 12.07 -18.24 33.23
N GLY A 427 13.32 -18.71 33.17
CA GLY A 427 14.40 -18.02 33.87
C GLY A 427 14.14 -18.27 35.33
N GLN A 428 13.95 -17.18 36.08
CA GLN A 428 13.61 -17.28 37.50
C GLN A 428 12.12 -17.08 37.76
N PHE A 429 11.33 -16.79 36.73
CA PHE A 429 9.92 -16.47 36.90
C PHE A 429 9.06 -17.74 36.92
N PRO A 430 8.27 -17.96 37.98
CA PRO A 430 7.39 -19.13 38.03
C PRO A 430 6.29 -19.01 37.00
N VAL A 431 6.08 -20.10 36.27
CA VAL A 431 5.12 -20.16 35.18
C VAL A 431 4.01 -21.09 35.61
N ASP A 432 2.79 -20.55 35.67
CA ASP A 432 1.62 -21.37 36.02
C ASP A 432 0.49 -20.89 35.14
N PRO A 433 0.15 -21.66 34.08
CA PRO A 433 -0.91 -21.23 33.15
C PRO A 433 -2.31 -21.21 33.77
N ALA A 434 -2.46 -21.67 35.02
CA ALA A 434 -3.75 -21.48 35.70
C ALA A 434 -4.02 -20.01 35.99
N PHE A 435 -2.98 -19.19 36.02
CA PHE A 435 -3.07 -17.77 36.38
C PHE A 435 -2.75 -16.87 35.20
N LYS A 436 -3.35 -15.68 35.20
CA LYS A 436 -3.05 -14.65 34.24
C LYS A 436 -2.23 -13.57 34.95
N VAL A 437 -1.08 -13.17 34.38
CA VAL A 437 -0.13 -12.32 35.08
C VAL A 437 -0.44 -10.84 34.82
N LEU A 438 -1.17 -10.21 35.73
CA LEU A 438 -1.56 -8.81 35.52
C LEU A 438 -0.50 -7.79 35.95
N SER A 439 0.25 -8.11 36.98
CA SER A 439 1.45 -7.35 37.31
C SER A 439 2.54 -8.31 37.78
N LEU A 440 3.78 -7.83 37.82
CA LEU A 440 4.92 -8.68 38.11
C LEU A 440 6.14 -7.84 38.47
N GLU A 441 7.04 -8.48 39.23
CA GLU A 441 8.21 -7.81 39.79
C GLU A 441 9.48 -8.23 39.07
N TYR A 442 10.40 -7.29 38.91
CA TYR A 442 11.72 -7.56 38.35
C TYR A 442 12.78 -7.08 39.32
N SER A 443 13.85 -7.86 39.45
CA SER A 443 14.99 -7.49 40.29
C SER A 443 16.22 -7.27 39.45
N ALA A 444 17.02 -6.29 39.84
CA ALA A 444 18.25 -5.95 39.14
C ALA A 444 19.42 -6.12 40.10
N PRO A 445 19.87 -7.37 40.31
CA PRO A 445 20.89 -7.62 41.33
C PRO A 445 22.31 -7.33 40.84
N ASN A 446 22.47 -7.05 39.57
CA ASN A 446 23.78 -6.78 39.02
C ASN A 446 23.58 -5.94 37.74
N PRO A 447 24.69 -5.52 37.08
CA PRO A 447 24.55 -4.70 35.88
C PRO A 447 23.96 -5.41 34.66
N ASP A 448 23.65 -6.71 34.74
CA ASP A 448 23.02 -7.37 33.60
C ASP A 448 21.53 -6.97 33.53
N ILE A 449 20.73 -7.57 32.66
CA ILE A 449 19.33 -7.21 32.52
C ILE A 449 18.55 -7.54 33.80
N ALA A 450 17.57 -6.70 34.13
CA ALA A 450 16.66 -7.01 35.23
C ALA A 450 15.90 -8.32 34.92
N ARG A 451 15.71 -9.14 35.96
CA ARG A 451 15.15 -10.48 35.83
C ARG A 451 13.73 -10.49 36.40
N ALA A 452 12.84 -11.15 35.68
CA ALA A 452 11.47 -11.32 36.13
C ALA A 452 11.45 -12.36 37.25
N ILE A 453 10.95 -11.98 38.43
CA ILE A 453 11.10 -12.88 39.56
C ILE A 453 9.80 -13.38 40.18
N ARG A 454 8.74 -12.56 40.15
CA ARG A 454 7.55 -12.85 40.95
C ARG A 454 6.27 -12.32 40.30
N ARG A 455 5.28 -13.20 40.20
CA ARG A 455 3.92 -12.79 39.85
C ARG A 455 3.30 -12.00 41.00
N VAL A 456 2.78 -10.80 40.73
CA VAL A 456 2.23 -9.98 41.80
C VAL A 456 0.70 -10.04 41.82
N ASP A 457 0.05 -9.44 40.81
CA ASP A 457 -1.42 -9.53 40.66
C ASP A 457 -1.79 -10.59 39.63
N SER A 458 -2.93 -11.24 39.85
CA SER A 458 -3.42 -12.22 38.89
C SER A 458 -4.93 -12.32 38.94
N VAL A 459 -5.47 -12.99 37.96
CA VAL A 459 -6.84 -13.51 37.95
C VAL A 459 -6.74 -14.91 37.38
N PRO A 460 -7.74 -15.77 37.59
CA PRO A 460 -7.80 -17.04 36.85
C PRO A 460 -7.63 -16.81 35.36
N ASN A 461 -6.91 -17.70 34.71
CA ASN A 461 -6.56 -17.50 33.32
C ASN A 461 -7.75 -17.85 32.43
N PRO A 462 -8.25 -16.88 31.62
CA PRO A 462 -9.36 -17.16 30.71
C PRO A 462 -9.06 -18.31 29.76
N PRO A 463 -10.08 -19.07 29.35
CA PRO A 463 -9.85 -20.18 28.43
C PRO A 463 -9.56 -19.68 27.01
N LEU A 464 -8.96 -20.53 26.18
CA LEU A 464 -8.77 -20.15 24.78
C LEU A 464 -10.13 -19.87 24.15
N PRO A 465 -10.23 -18.89 23.25
CA PRO A 465 -11.47 -18.75 22.49
C PRO A 465 -11.69 -19.95 21.57
N SER A 466 -12.91 -20.09 21.06
CA SER A 466 -13.33 -21.35 20.46
C SER A 466 -12.69 -21.59 19.09
N HIS A 467 -12.18 -20.53 18.46
CA HIS A 467 -11.49 -20.69 17.18
C HIS A 467 -9.98 -20.98 17.28
N VAL A 468 -9.45 -21.12 18.49
CA VAL A 468 -8.03 -21.41 18.72
C VAL A 468 -7.89 -22.71 19.51
N VAL A 469 -7.15 -23.67 18.97
CA VAL A 469 -7.01 -24.98 19.63
C VAL A 469 -5.54 -25.27 19.92
N ALA A 470 -5.24 -25.72 21.15
CA ALA A 470 -3.93 -26.26 21.46
C ALA A 470 -3.79 -27.61 20.77
N ILE A 471 -2.68 -27.83 20.09
CA ILE A 471 -2.40 -29.13 19.50
C ILE A 471 -1.82 -30.04 20.58
N GLN A 472 -2.44 -31.19 20.80
CA GLN A 472 -1.99 -32.15 21.82
C GLN A 472 -1.02 -33.21 21.28
N SER A 473 -1.19 -33.60 20.03
CA SER A 473 -0.46 -34.72 19.44
C SER A 473 0.94 -34.30 18.99
N THR A 474 1.94 -35.10 19.41
CA THR A 474 3.32 -34.88 18.97
C THR A 474 3.46 -35.10 17.47
N ALA A 475 2.66 -36.02 16.92
CA ALA A 475 2.70 -36.29 15.48
C ALA A 475 2.23 -35.08 14.69
N VAL A 476 1.23 -34.38 15.22
CA VAL A 476 0.73 -33.18 14.59
C VAL A 476 1.75 -32.06 14.76
N ASP A 477 2.30 -31.93 15.98
CA ASP A 477 3.40 -31.02 16.26
C ASP A 477 4.51 -31.22 15.20
N ALA A 478 4.92 -32.47 15.00
CA ALA A 478 5.98 -32.76 14.04
C ALA A 478 5.59 -32.38 12.61
N ASP A 479 4.36 -32.73 12.21
CA ASP A 479 3.83 -32.39 10.88
C ASP A 479 4.02 -30.91 10.57
N LEU A 480 3.52 -30.07 11.46
CA LEU A 480 3.58 -28.64 11.26
C LEU A 480 5.01 -28.15 11.35
N SER A 481 5.74 -28.62 12.35
CA SER A 481 7.12 -28.19 12.54
C SER A 481 7.94 -28.40 11.26
N LEU A 482 7.85 -29.60 10.70
CA LEU A 482 8.57 -29.90 9.48
C LEU A 482 8.04 -29.12 8.29
N ALA A 483 6.72 -29.00 8.15
CA ALA A 483 6.21 -28.39 6.93
C ALA A 483 6.32 -26.88 6.95
N MET A 484 6.38 -26.27 8.14
CA MET A 484 6.31 -24.81 8.30
C MET A 484 7.64 -24.14 8.67
N GLY A 485 8.72 -24.91 8.77
CA GLY A 485 10.01 -24.36 9.16
C GLY A 485 10.01 -23.71 10.54
N VAL A 486 9.36 -24.38 11.50
CA VAL A 486 9.33 -23.98 12.91
C VAL A 486 9.93 -25.12 13.73
N SER A 487 10.84 -24.77 14.63
CA SER A 487 11.49 -25.75 15.50
C SER A 487 11.69 -25.12 16.87
N LEU A 488 10.65 -25.19 17.70
CA LEU A 488 10.69 -24.59 19.03
C LEU A 488 11.44 -25.51 19.99
N THR A 489 11.73 -25.00 21.19
CA THR A 489 12.45 -25.79 22.21
C THR A 489 11.75 -27.12 22.42
N PRO A 490 12.44 -28.23 22.16
CA PRO A 490 11.78 -29.54 22.29
C PRO A 490 11.16 -29.76 23.66
N GLY A 491 9.93 -30.25 23.67
CA GLY A 491 9.20 -30.56 24.90
C GLY A 491 8.79 -29.37 25.75
N ARG A 492 9.01 -28.16 25.26
CA ARG A 492 8.79 -26.96 26.08
C ARG A 492 8.07 -25.87 25.30
N HIS A 493 7.14 -26.28 24.45
CA HIS A 493 6.40 -25.32 23.65
C HIS A 493 4.99 -25.81 23.43
N THR A 494 4.14 -24.91 22.98
CA THR A 494 2.78 -25.26 22.64
C THR A 494 2.50 -24.73 21.25
N SER A 495 1.90 -25.57 20.43
CA SER A 495 1.45 -25.20 19.09
C SER A 495 -0.08 -25.05 19.09
N TYR A 496 -0.56 -24.08 18.33
CA TYR A 496 -1.99 -23.82 18.21
C TYR A 496 -2.44 -23.74 16.76
N LEU A 497 -3.68 -24.17 16.53
CA LEU A 497 -4.36 -24.00 15.25
C LEU A 497 -5.49 -23.01 15.40
N VAL A 498 -5.57 -22.09 14.46
CA VAL A 498 -6.53 -21.00 14.50
C VAL A 498 -7.31 -21.03 13.22
N ASP A 499 -8.62 -21.20 13.34
CA ASP A 499 -9.49 -21.14 12.17
C ASP A 499 -9.37 -19.78 11.51
N ALA A 500 -8.98 -19.79 10.22
CA ALA A 500 -8.69 -18.59 9.44
C ALA A 500 -9.87 -17.63 9.28
N ARG A 501 -11.09 -18.16 9.18
CA ARG A 501 -12.27 -17.30 9.01
C ARG A 501 -12.53 -16.50 10.30
N ALA A 502 -12.47 -17.19 11.44
CA ALA A 502 -12.69 -16.57 12.73
C ALA A 502 -11.61 -15.58 13.09
N LEU A 503 -10.38 -15.85 12.67
CA LEU A 503 -9.27 -14.91 12.87
C LEU A 503 -9.57 -13.58 12.21
N GLN A 504 -10.05 -13.63 10.97
CA GLN A 504 -10.35 -12.41 10.23
C GLN A 504 -11.51 -11.66 10.88
N GLN A 505 -12.56 -12.38 11.28
CA GLN A 505 -13.68 -11.76 12.01
C GLN A 505 -13.21 -11.12 13.31
N SER A 506 -12.39 -11.85 14.08
CA SER A 506 -11.90 -11.28 15.31
C SER A 506 -10.95 -10.10 15.10
N ASN A 507 -10.20 -10.08 13.99
CA ASN A 507 -9.43 -8.88 13.63
C ASN A 507 -10.36 -7.67 13.52
N SER A 508 -11.48 -7.84 12.81
CA SER A 508 -12.39 -6.71 12.61
C SER A 508 -13.03 -6.28 13.91
N ALA A 509 -13.41 -7.25 14.76
CA ALA A 509 -13.98 -6.90 16.07
C ALA A 509 -12.96 -6.10 16.88
N ALA A 510 -11.71 -6.55 16.88
CA ALA A 510 -10.67 -5.82 17.60
C ALA A 510 -10.48 -4.39 17.09
N VAL A 511 -10.48 -4.19 15.77
CA VAL A 511 -10.39 -2.84 15.20
C VAL A 511 -11.61 -2.00 15.58
N ALA A 512 -12.81 -2.59 15.46
CA ALA A 512 -14.03 -1.94 15.90
C ALA A 512 -13.93 -1.46 17.35
N ALA A 513 -13.38 -2.30 18.23
CA ALA A 513 -13.31 -1.95 19.65
C ALA A 513 -12.40 -0.77 19.87
N ARG A 514 -11.27 -0.76 19.16
CA ARG A 514 -10.30 0.32 19.29
C ARG A 514 -10.88 1.64 18.78
N LYS A 515 -11.62 1.60 17.67
CA LYS A 515 -12.34 2.77 17.16
C LYS A 515 -13.36 3.27 18.17
N ALA A 516 -14.18 2.36 18.70
CA ALA A 516 -15.24 2.71 19.65
C ALA A 516 -14.68 3.32 20.93
N ASP A 517 -13.50 2.84 21.34
CA ASP A 517 -12.83 3.42 22.48
C ASP A 517 -12.23 4.81 22.21
N GLY A 518 -12.36 5.31 20.96
CA GLY A 518 -11.70 6.54 20.54
C GLY A 518 -10.19 6.42 20.30
N ASP A 519 -9.78 5.39 19.57
CA ASP A 519 -8.37 5.16 19.21
C ASP A 519 -7.41 5.19 20.39
N LYS A 520 -7.79 4.49 21.46
CA LYS A 520 -6.98 4.28 22.65
C LYS A 520 -7.42 2.98 23.29
N TRP A 521 -6.68 2.55 24.31
CA TRP A 521 -7.12 1.44 25.13
C TRP A 521 -8.19 1.97 26.07
N GLY A 522 -9.43 1.58 25.80
CA GLY A 522 -10.58 1.94 26.63
C GLY A 522 -11.43 0.74 26.97
N PRO A 523 -12.70 0.98 27.35
CA PRO A 523 -13.58 -0.12 27.84
C PRO A 523 -13.76 -1.28 26.86
N ALA A 524 -13.89 -1.00 25.56
CA ALA A 524 -14.11 -2.05 24.56
C ALA A 524 -12.89 -2.91 24.37
N CYS A 525 -11.71 -2.28 24.35
CA CYS A 525 -10.44 -3.02 24.29
C CYS A 525 -10.21 -3.82 25.56
N ASP A 526 -10.58 -3.24 26.70
CA ASP A 526 -10.45 -3.93 27.98
C ASP A 526 -11.35 -5.18 28.05
N GLU A 527 -12.60 -5.05 27.59
CA GLU A 527 -13.50 -6.19 27.53
C GLU A 527 -12.88 -7.35 26.73
N MET A 528 -12.32 -7.05 25.57
CA MET A 528 -11.66 -8.07 24.77
C MET A 528 -10.48 -8.68 25.51
N PHE A 529 -9.64 -7.80 26.09
CA PHE A 529 -8.47 -8.22 26.84
C PHE A 529 -8.84 -9.23 27.93
N ARG A 530 -9.98 -9.03 28.57
CA ARG A 530 -10.44 -9.93 29.64
C ARG A 530 -10.77 -11.32 29.14
N GLY A 531 -11.03 -11.46 27.85
CA GLY A 531 -11.18 -12.77 27.27
C GLY A 531 -9.87 -13.33 26.75
N CYS A 532 -8.78 -12.57 26.85
CA CYS A 532 -7.48 -13.07 26.34
C CYS A 532 -6.80 -13.94 27.36
N ARG A 533 -6.38 -15.13 26.93
CA ARG A 533 -5.65 -16.07 27.78
C ARG A 533 -4.18 -15.68 27.87
N CYS A 534 -3.61 -15.84 29.07
CA CYS A 534 -2.22 -15.46 29.31
C CYS A 534 -1.28 -16.61 28.92
N VAL A 535 -0.22 -16.27 28.18
CA VAL A 535 0.83 -17.25 27.82
C VAL A 535 2.19 -16.73 28.29
N THR A 536 2.18 -15.91 29.33
CA THR A 536 3.43 -15.40 29.92
C THR A 536 4.36 -16.55 30.29
N GLY A 537 5.63 -16.45 29.87
CA GLY A 537 6.64 -17.47 30.14
C GLY A 537 6.58 -18.65 29.19
N GLN A 538 5.67 -18.62 28.22
CA GLN A 538 5.53 -19.71 27.26
C GLN A 538 6.27 -19.41 25.95
N GLU A 539 6.71 -20.48 25.32
CA GLU A 539 7.18 -20.50 23.96
C GLU A 539 6.07 -21.20 23.16
N VAL A 540 5.53 -20.50 22.16
CA VAL A 540 4.34 -20.94 21.44
C VAL A 540 4.43 -20.59 19.96
N VAL A 541 3.65 -21.31 19.15
CA VAL A 541 3.48 -20.98 17.74
C VAL A 541 2.00 -21.12 17.37
N PHE A 542 1.51 -20.17 16.56
CA PHE A 542 0.14 -20.19 16.04
C PHE A 542 0.17 -20.44 14.54
N TYR A 543 -0.52 -21.49 14.10
CA TYR A 543 -0.76 -21.68 12.67
C TYR A 543 -2.23 -21.42 12.39
N THR A 544 -2.49 -20.74 11.29
CA THR A 544 -3.84 -20.57 10.82
C THR A 544 -4.11 -21.59 9.73
N ALA A 545 -5.34 -22.10 9.69
CA ALA A 545 -5.74 -23.09 8.70
C ALA A 545 -6.82 -22.51 7.80
N VAL A 546 -6.51 -22.42 6.51
CA VAL A 546 -7.44 -21.90 5.49
C VAL A 546 -8.18 -23.07 4.84
N LYS A 547 -9.53 -23.02 4.84
CA LYS A 547 -10.35 -24.05 4.18
C LYS A 547 -10.30 -23.83 2.67
N GLU A 548 -10.16 -24.94 1.92
CA GLU A 548 -10.21 -24.90 0.47
C GLU A 548 -11.62 -24.44 0.04
N PRO A 549 -11.70 -23.38 -0.80
CA PRO A 549 -12.99 -22.88 -1.28
C PRO A 549 -13.85 -23.92 -1.98
N ALA A 550 -13.23 -24.75 -2.84
CA ALA A 550 -13.89 -25.83 -3.60
C ALA A 550 -15.04 -25.35 -4.51
N SER A 559 -11.40 -13.98 1.07
CA SER A 559 -10.52 -14.30 2.20
C SER A 559 -9.25 -13.44 2.28
N LEU A 560 -8.85 -13.18 3.52
CA LEU A 560 -7.66 -12.39 3.84
C LEU A 560 -6.37 -13.07 3.39
N PHE A 561 -6.39 -14.40 3.36
CA PHE A 561 -5.22 -15.21 3.03
C PHE A 561 -5.36 -15.86 1.66
N LYS A 562 -4.25 -15.91 0.92
CA LYS A 562 -4.22 -16.43 -0.45
C LYS A 562 -3.33 -17.67 -0.64
N PRO A 563 -3.73 -18.84 -0.10
CA PRO A 563 -2.93 -20.01 -0.42
C PRO A 563 -3.29 -20.57 -1.79
N SER A 564 -2.29 -21.11 -2.48
CA SER A 564 -2.53 -21.81 -3.74
C SER A 564 -2.90 -23.25 -3.42
N PHE A 565 -4.14 -23.61 -3.69
CA PHE A 565 -4.57 -24.98 -3.49
C PHE A 565 -4.16 -25.91 -4.63
N ASP A 566 -3.48 -25.36 -5.64
CA ASP A 566 -2.78 -26.13 -6.67
C ASP A 566 -1.39 -26.61 -6.26
N GLY A 567 -0.87 -26.12 -5.13
CA GLY A 567 0.44 -26.52 -4.64
C GLY A 567 0.50 -27.98 -4.23
N PRO A 568 1.71 -28.51 -4.01
CA PRO A 568 1.85 -29.90 -3.57
C PRO A 568 1.23 -30.13 -2.16
N ALA A 569 0.61 -31.29 -2.01
CA ALA A 569 -0.09 -31.66 -0.79
C ALA A 569 0.71 -32.65 0.05
N PHE A 570 0.64 -32.50 1.37
CA PHE A 570 1.18 -33.49 2.29
C PHE A 570 0.02 -34.25 2.93
N ARG A 571 0.27 -35.51 3.33
CA ARG A 571 -0.70 -36.28 4.10
C ARG A 571 -0.59 -35.97 5.61
N PRO A 572 -1.61 -35.33 6.21
CA PRO A 572 -1.53 -35.09 7.65
C PRO A 572 -1.91 -36.32 8.47
N SER A 573 -1.32 -36.46 9.64
CA SER A 573 -1.74 -37.52 10.56
C SER A 573 -3.10 -37.20 11.18
N TRP A 574 -3.40 -35.90 11.35
CA TRP A 574 -4.70 -35.42 11.79
C TRP A 574 -5.62 -35.18 10.59
N GLY A 575 -6.76 -35.89 10.55
CA GLY A 575 -7.72 -35.78 9.45
C GLY A 575 -8.36 -34.40 9.30
N GLU A 576 -8.56 -33.70 10.42
CA GLU A 576 -9.13 -32.34 10.44
CA GLU A 576 -9.13 -32.34 10.43
C GLU A 576 -8.34 -31.33 9.60
N LEU A 577 -7.09 -31.67 9.24
CA LEU A 577 -6.28 -30.77 8.42
C LEU A 577 -6.52 -30.91 6.93
N SER A 578 -7.19 -31.99 6.53
CA SER A 578 -7.34 -32.29 5.11
C SER A 578 -8.21 -31.24 4.42
N GLY A 579 -7.78 -30.83 3.23
CA GLY A 579 -8.47 -29.80 2.48
C GLY A 579 -8.23 -28.42 3.06
N LYS A 580 -7.16 -28.27 3.82
CA LYS A 580 -6.79 -26.99 4.40
C LYS A 580 -5.33 -26.68 4.08
N ALA A 581 -5.00 -25.39 4.14
CA ALA A 581 -3.61 -24.94 4.08
C ALA A 581 -3.25 -24.29 5.41
N THR A 582 -2.05 -24.55 5.90
CA THR A 582 -1.58 -23.94 7.13
C THR A 582 -0.51 -22.89 6.83
N GLY A 583 -0.44 -21.87 7.71
CA GLY A 583 0.49 -20.75 7.60
C GLY A 583 0.84 -20.27 9.00
N VAL A 584 2.08 -19.81 9.21
CA VAL A 584 2.52 -19.32 10.53
C VAL A 584 2.15 -17.86 10.69
N VAL A 585 1.32 -17.54 11.68
CA VAL A 585 0.94 -16.15 11.92
C VAL A 585 1.63 -15.55 13.14
N ALA A 586 2.10 -16.35 14.08
CA ALA A 586 2.71 -15.80 15.31
C ALA A 586 3.52 -16.83 16.09
N CYS A 587 4.59 -16.36 16.71
N CYS A 587 4.66 -16.38 16.63
CA CYS A 587 5.46 -17.19 17.50
CA CYS A 587 5.50 -17.17 17.51
C CYS A 587 6.12 -16.38 18.60
C CYS A 587 5.93 -16.29 18.64
N VAL A 588 6.04 -16.89 19.83
CA VAL A 588 6.64 -16.23 20.97
C VAL A 588 7.82 -17.11 21.42
N LEU A 589 9.00 -16.50 21.53
CA LEU A 589 10.19 -17.18 22.02
C LEU A 589 10.58 -16.59 23.37
N GLN A 590 11.23 -17.41 24.19
CA GLN A 590 11.87 -16.95 25.40
C GLN A 590 13.37 -17.17 25.25
N VAL A 591 14.13 -16.10 25.15
CA VAL A 591 15.56 -16.23 24.87
C VAL A 591 16.30 -16.38 26.20
N PRO A 592 17.05 -17.47 26.39
CA PRO A 592 17.85 -17.64 27.61
C PRO A 592 18.90 -16.52 27.74
N ILE A 593 18.91 -15.86 28.90
CA ILE A 593 19.83 -14.77 29.11
C ILE A 593 21.26 -15.31 28.94
N GLY A 594 22.06 -14.64 28.10
CA GLY A 594 23.43 -15.10 27.84
C GLY A 594 24.14 -14.21 26.86
N LYS A 595 25.05 -14.81 26.11
CA LYS A 595 25.89 -14.08 25.18
C LYS A 595 25.13 -13.27 24.12
N GLU A 596 24.06 -13.82 23.56
CA GLU A 596 23.33 -13.07 22.52
C GLU A 596 22.59 -11.87 23.12
N THR A 597 21.96 -12.06 24.27
CA THR A 597 21.24 -10.98 24.93
C THR A 597 22.20 -9.89 25.42
N ASP A 598 23.40 -10.30 25.84
CA ASP A 598 24.47 -9.33 26.13
C ASP A 598 24.76 -8.45 24.91
N ILE A 599 24.97 -9.10 23.76
CA ILE A 599 25.30 -8.38 22.53
C ILE A 599 24.17 -7.44 22.15
N ILE A 600 22.95 -7.96 22.14
CA ILE A 600 21.79 -7.17 21.73
C ILE A 600 21.61 -5.99 22.64
N CYS A 601 21.54 -6.24 23.95
CA CYS A 601 21.33 -5.14 24.89
C CYS A 601 22.45 -4.12 24.83
N ALA A 602 23.68 -4.58 24.64
CA ALA A 602 24.80 -3.65 24.53
C ALA A 602 24.64 -2.70 23.32
N GLU A 603 24.23 -3.23 22.17
CA GLU A 603 24.09 -2.34 20.99
C GLU A 603 23.01 -1.29 21.18
N TYR A 604 21.90 -1.65 21.86
CA TYR A 604 20.87 -0.64 22.17
C TYR A 604 21.49 0.45 22.99
N ASP A 605 22.27 0.07 24.00
CA ASP A 605 22.86 1.05 24.88
C ASP A 605 23.84 1.92 24.11
N ASN A 606 24.70 1.30 23.28
CA ASN A 606 25.61 2.05 22.40
C ASN A 606 24.89 3.09 21.55
N LEU A 607 23.86 2.65 20.83
CA LEU A 607 23.15 3.55 19.93
C LEU A 607 22.39 4.64 20.70
N VAL A 608 21.85 4.31 21.88
CA VAL A 608 21.22 5.34 22.69
C VAL A 608 22.26 6.37 23.13
N SER A 609 23.34 5.93 23.76
CA SER A 609 24.41 6.83 24.21
C SER A 609 24.94 7.72 23.10
N LYS A 610 25.15 7.16 21.91
CA LYS A 610 25.75 7.91 20.83
C LYS A 610 24.73 8.77 20.06
N GLY A 611 23.50 8.85 20.56
CA GLY A 611 22.48 9.75 19.99
C GLY A 611 22.00 9.35 18.62
N GLN A 612 21.98 8.04 18.36
CA GLN A 612 21.64 7.53 17.04
C GLN A 612 20.17 7.16 16.89
N PHE A 613 19.38 7.35 17.94
CA PHE A 613 17.94 7.17 17.82
C PHE A 613 17.29 8.51 17.52
N ALA A 614 16.53 8.55 16.43
CA ALA A 614 15.74 9.71 16.04
C ALA A 614 14.34 9.58 16.60
N THR A 615 13.81 10.69 17.12
CA THR A 615 12.44 10.72 17.63
C THR A 615 11.43 10.97 16.52
N VAL A 616 10.37 10.18 16.51
CA VAL A 616 9.34 10.31 15.49
C VAL A 616 7.92 10.29 16.06
N ASP A 617 6.98 10.18 15.13
CA ASP A 617 5.54 10.14 15.39
C ASP A 617 5.15 8.91 16.23
N THR A 624 5.88 9.23 22.16
CA THR A 624 6.36 8.95 20.80
C THR A 624 7.46 7.87 20.75
N VAL A 625 7.92 7.56 19.54
CA VAL A 625 8.79 6.41 19.29
C VAL A 625 10.16 6.84 18.77
N ASN A 626 11.22 6.19 19.24
CA ASN A 626 12.55 6.39 18.69
C ASN A 626 12.79 5.38 17.59
N MET A 627 13.46 5.82 16.52
CA MET A 627 13.79 4.96 15.38
C MET A 627 15.25 5.09 14.99
N THR A 628 15.80 3.98 14.49
CA THR A 628 17.09 3.95 13.83
C THR A 628 17.05 2.92 12.68
N GLY A 629 18.14 2.83 11.93
CA GLY A 629 18.27 1.86 10.84
C GLY A 629 18.46 2.57 9.51
N ASN A 630 18.25 1.84 8.40
CA ASN A 630 18.50 2.37 7.05
C ASN A 630 17.29 3.07 6.46
N ALA A 631 16.93 4.17 7.08
CA ALA A 631 15.84 5.00 6.62
C ALA A 631 16.29 5.84 5.44
N LEU A 632 15.31 6.37 4.71
CA LEU A 632 15.52 7.46 3.78
C LEU A 632 14.37 8.41 4.05
N ILE A 633 14.65 9.46 4.81
CA ILE A 633 13.64 10.42 5.22
C ILE A 633 13.59 11.51 4.15
N GLN A 634 12.66 11.33 3.20
CA GLN A 634 12.56 12.29 2.09
C GLN A 634 12.15 13.71 2.51
N ASN A 635 11.44 13.88 3.64
CA ASN A 635 11.17 15.23 4.17
C ASN A 635 12.43 16.05 4.48
N ASP A 636 13.55 15.37 4.65
CA ASP A 636 14.86 16.02 4.79
C ASP A 636 15.44 16.16 3.40
N GLY A 637 15.36 17.36 2.83
CA GLY A 637 15.76 17.62 1.45
C GLY A 637 17.16 17.13 1.11
N LYS A 638 18.10 17.33 2.03
CA LYS A 638 19.51 16.99 1.84
C LYS A 638 19.86 15.52 2.07
N ALA A 639 18.87 14.67 2.36
CA ALA A 639 19.11 13.25 2.57
C ALA A 639 19.24 12.53 1.23
N ILE A 640 20.34 11.79 1.06
CA ILE A 640 20.67 11.14 -0.21
C ILE A 640 21.31 9.76 0.01
N SER A 641 21.31 9.29 1.26
CA SER A 641 21.91 8.00 1.62
C SER A 641 21.17 7.34 2.77
N LYS A 642 21.60 6.13 3.15
CA LYS A 642 20.84 5.37 4.14
C LYS A 642 21.02 5.93 5.54
N GLY A 643 19.93 5.93 6.30
CA GLY A 643 19.97 6.29 7.70
C GLY A 643 19.21 7.57 7.98
N TYR A 644 18.97 7.83 9.27
CA TYR A 644 18.41 9.09 9.69
C TYR A 644 19.46 10.18 9.64
N ALA A 645 19.02 11.43 9.84
CA ALA A 645 19.95 12.56 9.76
C ALA A 645 21.16 12.43 10.68
N VAL A 646 20.95 11.97 11.94
CA VAL A 646 22.05 11.81 12.88
C VAL A 646 23.10 10.82 12.36
N ALA A 647 22.64 9.82 11.62
CA ALA A 647 23.54 8.81 11.09
C ALA A 647 24.37 9.41 9.96
N HIS A 648 23.77 10.24 9.09
CA HIS A 648 24.53 10.90 8.03
C HIS A 648 25.66 11.74 8.64
N ARG A 649 25.31 12.52 9.68
CA ARG A 649 26.26 13.44 10.30
C ARG A 649 27.38 12.68 11.01
N ALA A 650 27.07 11.59 11.71
CA ALA A 650 28.08 10.81 12.42
C ALA A 650 29.17 10.22 11.51
N ARG A 651 28.81 9.84 10.28
CA ARG A 651 29.79 9.32 9.30
C ARG A 651 30.85 10.36 8.97
N VAL A 652 30.48 11.63 9.03
CA VAL A 652 31.34 12.71 8.63
C VAL A 652 32.08 13.28 9.83
N THR A 653 31.36 13.55 10.91
CA THR A 653 31.96 14.26 12.03
C THR A 653 32.84 13.39 12.92
N SER A 654 32.69 12.07 12.87
CA SER A 654 33.48 11.20 13.74
C SER A 654 34.99 11.38 13.53
N ASN A 655 35.75 11.35 14.62
CA ASN A 655 37.19 11.45 14.47
C ASN A 655 37.93 10.12 14.68
N VAL A 656 37.19 9.04 14.84
CA VAL A 656 37.78 7.73 15.02
C VAL A 656 37.46 6.80 13.83
N TYR A 657 36.18 6.54 13.60
CA TYR A 657 35.81 5.56 12.58
C TYR A 657 34.41 5.84 12.04
N GLY A 658 34.31 6.15 10.75
CA GLY A 658 33.07 6.63 10.17
C GLY A 658 31.96 5.61 10.06
N LYS A 659 32.30 4.32 10.00
CA LYS A 659 31.33 3.27 9.81
C LYS A 659 30.87 2.63 11.12
N ALA A 660 31.25 3.23 12.26
CA ALA A 660 31.07 2.60 13.57
C ALA A 660 29.61 2.27 13.85
N ASN A 661 28.73 3.28 13.72
CA ASN A 661 27.30 3.06 13.89
C ASN A 661 26.68 2.07 12.91
N ASP A 662 27.20 2.01 11.70
CA ASP A 662 26.72 1.02 10.75
C ASP A 662 27.12 -0.39 11.17
N VAL A 663 28.32 -0.54 11.74
CA VAL A 663 28.74 -1.83 12.30
C VAL A 663 27.82 -2.20 13.47
N SER A 664 27.53 -1.22 14.33
CA SER A 664 26.71 -1.47 15.50
C SER A 664 25.28 -1.87 15.07
N LEU A 665 24.73 -1.20 14.05
CA LEU A 665 23.39 -1.52 13.56
C LEU A 665 23.31 -2.90 12.94
N GLN A 666 24.34 -3.26 12.19
CA GLN A 666 24.36 -4.58 11.55
C GLN A 666 24.47 -5.69 12.59
N ARG A 667 25.35 -5.52 13.59
CA ARG A 667 25.42 -6.52 14.67
C ARG A 667 24.10 -6.64 15.40
N LEU A 668 23.47 -5.49 15.71
CA LEU A 668 22.16 -5.52 16.35
C LEU A 668 21.15 -6.31 15.51
N ALA A 669 20.99 -5.97 14.21
CA ALA A 669 20.00 -6.68 13.40
C ALA A 669 20.35 -8.14 13.23
N GLU A 670 21.64 -8.44 13.06
CA GLU A 670 22.04 -9.81 12.78
C GLU A 670 21.97 -10.69 14.03
N THR A 671 22.18 -10.12 15.21
CA THR A 671 22.12 -10.99 16.41
C THR A 671 20.69 -11.39 16.76
N VAL A 672 19.76 -10.42 16.72
CA VAL A 672 18.34 -10.71 16.84
C VAL A 672 17.91 -11.72 15.75
N TRP A 673 18.28 -11.44 14.50
CA TRP A 673 17.89 -12.32 13.40
C TRP A 673 18.42 -13.73 13.61
N SER A 674 19.64 -13.86 14.13
CA SER A 674 20.23 -15.17 14.37
C SER A 674 19.49 -15.96 15.47
N VAL A 675 19.15 -15.29 16.56
CA VAL A 675 18.38 -15.91 17.63
C VAL A 675 17.01 -16.36 17.09
N VAL A 676 16.39 -15.55 16.24
CA VAL A 676 15.09 -15.90 15.70
C VAL A 676 15.17 -17.06 14.71
N GLU A 677 16.23 -17.07 13.90
CA GLU A 677 16.34 -18.04 12.81
C GLU A 677 16.68 -19.43 13.32
N LYS A 678 17.36 -19.54 14.46
CA LYS A 678 17.55 -20.85 15.08
C LYS A 678 16.24 -21.60 15.30
N ARG A 679 15.18 -20.86 15.61
CA ARG A 679 13.88 -21.44 15.94
C ARG A 679 12.94 -21.46 14.75
N LEU A 680 13.11 -20.51 13.82
CA LEU A 680 12.15 -20.29 12.75
C LEU A 680 12.88 -20.29 11.43
N SER A 681 13.14 -21.48 10.88
CA SER A 681 13.95 -21.58 9.67
C SER A 681 13.28 -20.97 8.43
N PHE A 682 11.97 -20.70 8.48
CA PHE A 682 11.34 -20.07 7.33
C PHE A 682 11.81 -18.62 7.15
N MET A 683 12.28 -18.00 8.24
CA MET A 683 12.68 -16.59 8.19
C MET A 683 13.76 -16.28 7.15
N PRO A 684 14.88 -17.06 7.09
CA PRO A 684 15.83 -16.82 5.98
C PRO A 684 15.26 -17.08 4.60
N ALA A 685 14.38 -18.08 4.47
CA ALA A 685 13.71 -18.33 3.18
C ALA A 685 12.82 -17.15 2.77
N TYR A 686 12.19 -16.51 3.75
CA TYR A 686 11.41 -15.30 3.50
C TYR A 686 12.32 -14.16 3.11
N ARG A 687 13.42 -13.97 3.84
CA ARG A 687 14.42 -12.97 3.46
C ARG A 687 14.90 -13.15 2.01
N ASP A 688 15.32 -14.36 1.66
CA ASP A 688 15.85 -14.60 0.32
C ASP A 688 14.79 -14.40 -0.77
N LEU A 689 13.52 -14.57 -0.40
CA LEU A 689 12.45 -14.55 -1.39
C LEU A 689 12.01 -13.14 -1.72
N VAL A 690 12.03 -12.23 -0.75
CA VAL A 690 11.38 -10.93 -0.94
C VAL A 690 12.36 -9.77 -1.12
N ILE A 691 13.63 -9.93 -0.76
CA ILE A 691 14.61 -8.85 -0.91
C ILE A 691 15.32 -9.02 -2.25
N THR A 692 15.21 -8.03 -3.11
CA THR A 692 15.84 -8.04 -4.44
C THR A 692 17.33 -7.76 -4.31
N GLU A 693 18.09 -8.09 -5.36
CA GLU A 693 19.52 -7.81 -5.35
C GLU A 693 19.77 -6.31 -5.09
N GLN A 694 18.88 -5.47 -5.58
CA GLN A 694 19.02 -4.03 -5.41
C GLN A 694 18.66 -3.60 -4.01
N GLY A 695 17.92 -4.42 -3.28
CA GLY A 695 17.55 -4.08 -1.92
C GLY A 695 18.55 -4.53 -0.89
N LYS A 696 19.26 -5.62 -1.17
CA LYS A 696 20.19 -6.22 -0.19
C LYS A 696 21.17 -5.22 0.45
N PRO A 697 21.80 -4.33 -0.32
CA PRO A 697 22.76 -3.40 0.32
C PRO A 697 22.11 -2.48 1.33
N PHE A 698 20.78 -2.34 1.29
CA PHE A 698 20.07 -1.42 2.19
C PHE A 698 19.30 -2.12 3.31
N MET A 699 19.42 -3.44 3.40
CA MET A 699 18.99 -4.11 4.61
C MET A 699 20.10 -4.01 5.64
N LEU A 700 19.73 -4.15 6.92
CA LEU A 700 20.74 -4.18 7.96
C LEU A 700 21.31 -5.58 8.01
N GLY A 701 22.51 -5.74 7.44
CA GLY A 701 23.14 -7.05 7.34
C GLY A 701 22.35 -8.02 6.50
N ALA A 702 22.59 -9.30 6.73
CA ALA A 702 21.92 -10.34 5.97
C ALA A 702 20.57 -10.73 6.63
N THR A 703 19.66 -9.75 6.71
CA THR A 703 18.36 -9.92 7.40
C THR A 703 17.27 -9.28 6.54
N ALA A 704 16.04 -9.32 7.05
CA ALA A 704 14.90 -8.66 6.43
C ALA A 704 14.49 -7.46 7.26
N THR A 705 15.45 -6.92 8.01
CA THR A 705 15.23 -5.76 8.85
C THR A 705 15.92 -4.56 8.21
N ASN A 706 15.21 -3.46 8.04
CA ASN A 706 15.92 -2.24 7.72
C ASN A 706 15.67 -1.13 8.73
N ILE A 707 14.68 -1.30 9.61
CA ILE A 707 14.33 -0.28 10.61
C ILE A 707 14.18 -0.97 11.98
N ILE A 708 14.65 -0.28 13.02
CA ILE A 708 14.58 -0.76 14.38
C ILE A 708 14.05 0.37 15.23
N SER A 709 13.01 0.08 16.02
CA SER A 709 12.38 1.07 16.89
C SER A 709 12.83 0.85 18.33
N LEU A 710 12.52 1.81 19.17
CA LEU A 710 12.80 1.67 20.59
C LEU A 710 11.81 2.52 21.36
N THR A 711 11.11 1.88 22.28
CA THR A 711 10.09 2.53 23.13
C THR A 711 10.44 2.30 24.59
N GLU A 712 10.05 3.26 25.42
CA GLU A 712 10.36 3.22 26.84
C GLU A 712 9.04 3.24 27.64
N ASN A 713 8.66 2.11 28.24
CA ASN A 713 7.44 2.01 29.06
C ASN A 713 6.18 2.53 28.33
N GLN A 714 6.06 2.20 27.05
CA GLN A 714 4.98 2.74 26.24
C GLN A 714 4.01 1.68 25.78
N GLY A 715 2.73 2.04 25.85
CA GLY A 715 1.67 1.26 25.22
C GLY A 715 1.44 1.73 23.79
N VAL A 716 0.69 0.93 23.04
CA VAL A 716 0.27 1.28 21.70
C VAL A 716 -1.14 0.70 21.48
N MET A 717 -2.01 1.50 20.85
CA MET A 717 -3.37 1.07 20.54
C MET A 717 -3.38 -0.18 19.66
N LEU A 718 -4.45 -0.95 19.75
CA LEU A 718 -4.64 -2.10 18.86
C LEU A 718 -4.68 -1.62 17.40
N HIS A 719 -3.96 -2.32 16.53
CA HIS A 719 -3.86 -1.95 15.12
C HIS A 719 -3.31 -3.11 14.28
N LEU A 720 -3.53 -2.98 12.97
CA LEU A 720 -2.76 -3.70 11.96
C LEU A 720 -1.72 -2.73 11.40
N ASP A 721 -0.53 -3.23 11.11
CA ASP A 721 0.42 -2.43 10.33
C ASP A 721 0.07 -2.58 8.85
N THR A 722 0.56 -1.67 8.01
CA THR A 722 0.18 -1.75 6.60
C THR A 722 1.34 -1.87 5.64
N ASP A 723 2.39 -1.08 5.85
CA ASP A 723 3.49 -1.01 4.89
C ASP A 723 4.78 -1.67 5.40
N ASP A 724 4.64 -2.77 6.13
CA ASP A 724 5.76 -3.53 6.66
C ASP A 724 5.90 -4.83 5.88
N GLY A 725 6.91 -5.63 6.23
CA GLY A 725 7.14 -6.92 5.59
C GLY A 725 6.14 -7.96 6.07
N VAL A 726 6.36 -9.20 5.65
CA VAL A 726 5.42 -10.27 5.97
C VAL A 726 5.45 -10.60 7.47
N TRP A 727 6.65 -10.75 8.04
CA TRP A 727 6.78 -10.96 9.48
C TRP A 727 7.61 -9.86 10.15
N THR A 728 7.22 -9.49 11.36
CA THR A 728 7.89 -8.47 12.15
C THR A 728 8.40 -9.10 13.44
N ILE A 729 9.54 -8.62 13.93
CA ILE A 729 10.10 -9.10 15.18
C ILE A 729 9.95 -8.02 16.23
N ILE A 730 9.39 -8.38 17.39
CA ILE A 730 9.36 -7.48 18.53
C ILE A 730 10.06 -8.13 19.71
N LEU A 731 10.88 -7.34 20.42
CA LEU A 731 11.58 -7.85 21.59
C LEU A 731 11.48 -6.86 22.73
N TRP A 732 11.70 -7.34 23.95
CA TRP A 732 11.74 -6.48 25.12
C TRP A 732 12.83 -6.93 26.07
N PHE A 733 13.39 -5.97 26.82
CA PHE A 733 14.24 -6.27 27.95
C PHE A 733 14.11 -5.11 28.93
N HIS A 734 14.56 -5.37 30.15
CA HIS A 734 14.28 -4.49 31.29
C HIS A 734 15.54 -3.99 31.95
N ARG A 735 15.49 -2.76 32.45
CA ARG A 735 16.68 -2.17 33.06
C ARG A 735 16.69 -2.18 34.60
N HIS A 736 15.90 -1.39 35.30
CA HIS A 736 16.08 -1.40 36.78
C HIS A 736 15.17 -2.40 37.49
N SER A 737 15.09 -2.33 38.82
CA SER A 737 14.10 -3.18 39.49
C SER A 737 12.80 -2.44 39.74
N GLY A 738 11.76 -3.22 40.02
CA GLY A 738 10.45 -2.68 40.34
C GLY A 738 9.36 -3.59 39.84
N ILE A 739 8.15 -3.02 39.82
CA ILE A 739 6.96 -3.78 39.48
C ILE A 739 6.25 -3.08 38.33
N ILE A 740 5.82 -3.87 37.35
CA ILE A 740 5.06 -3.37 36.22
C ILE A 740 3.65 -3.95 36.31
N ALA A 741 2.66 -3.06 36.30
CA ALA A 741 1.27 -3.45 36.08
C ALA A 741 0.89 -3.11 34.63
N GLY A 742 0.18 -4.01 33.96
CA GLY A 742 -0.26 -3.76 32.60
C GLY A 742 0.89 -3.95 31.64
N GLY A 743 0.80 -3.25 30.51
CA GLY A 743 1.84 -3.35 29.50
C GLY A 743 1.87 -4.67 28.76
N GLU A 744 0.83 -5.49 28.88
CA GLU A 744 0.82 -6.74 28.13
C GLU A 744 0.86 -6.49 26.64
N PHE A 745 1.49 -7.42 25.93
CA PHE A 745 1.34 -7.50 24.49
C PHE A 745 0.12 -8.37 24.24
N VAL A 746 -0.81 -7.85 23.43
CA VAL A 746 -2.08 -8.53 23.17
C VAL A 746 -2.24 -8.86 21.70
N LEU A 747 -2.65 -10.10 21.43
CA LEU A 747 -3.04 -10.56 20.11
C LEU A 747 -4.49 -11.05 20.18
N PRO A 748 -5.46 -10.12 20.09
CA PRO A 748 -6.84 -10.49 20.44
C PRO A 748 -7.50 -11.44 19.44
N SER A 749 -7.11 -11.40 18.18
CA SER A 749 -7.72 -12.35 17.25
C SER A 749 -7.14 -13.74 17.39
N LEU A 750 -6.03 -13.88 18.12
CA LEU A 750 -5.52 -15.19 18.55
C LEU A 750 -5.97 -15.55 19.95
N GLY A 751 -6.59 -14.60 20.64
CA GLY A 751 -7.11 -14.84 21.97
C GLY A 751 -6.09 -14.94 23.09
N ILE A 752 -4.90 -14.35 22.91
CA ILE A 752 -3.84 -14.45 23.90
C ILE A 752 -3.21 -13.09 24.19
N SER A 753 -2.49 -13.04 25.31
CA SER A 753 -1.73 -11.89 25.73
C SER A 753 -0.56 -12.41 26.57
N PHE A 754 0.46 -11.58 26.77
CA PHE A 754 1.59 -11.98 27.61
C PHE A 754 2.35 -10.76 28.11
N GLN A 755 2.98 -10.94 29.29
CA GLN A 755 3.98 -10.05 29.83
C GLN A 755 5.32 -10.52 29.32
N PRO A 756 6.13 -9.60 28.78
CA PRO A 756 7.51 -9.93 28.44
C PRO A 756 8.31 -10.17 29.73
N LEU A 757 9.14 -11.22 29.71
CA LEU A 757 9.94 -11.60 30.89
C LEU A 757 11.39 -11.33 30.48
N ASP A 758 12.39 -12.01 31.09
CA ASP A 758 13.80 -11.75 30.77
C ASP A 758 14.18 -11.25 29.37
N PHE A 759 13.68 -11.95 28.36
CA PHE A 759 14.01 -11.63 26.99
C PHE A 759 13.02 -12.41 26.14
N THR A 760 11.81 -11.86 26.04
CA THR A 760 10.77 -12.41 25.19
C THR A 760 10.85 -11.75 23.81
N ILE A 761 10.73 -12.58 22.77
CA ILE A 761 10.58 -12.14 21.39
C ILE A 761 9.26 -12.67 20.81
N VAL A 762 8.55 -11.83 20.06
CA VAL A 762 7.41 -12.28 19.27
C VAL A 762 7.73 -12.05 17.79
N VAL A 763 7.45 -13.07 16.98
CA VAL A 763 7.57 -12.96 15.54
C VAL A 763 6.20 -13.21 14.95
N PHE A 764 5.68 -12.24 14.19
CA PHE A 764 4.29 -12.32 13.78
C PHE A 764 4.03 -11.53 12.49
N ALA A 765 2.94 -11.87 11.84
CA ALA A 765 2.54 -11.25 10.59
C ALA A 765 1.71 -10.02 10.92
N ALA A 766 2.40 -8.88 11.11
CA ALA A 766 1.80 -7.64 11.62
C ALA A 766 0.86 -6.93 10.66
N ASN A 767 0.85 -7.31 9.38
CA ASN A 767 -0.14 -6.74 8.46
C ASN A 767 -1.44 -7.51 8.47
N THR A 768 -1.47 -8.69 9.12
CA THR A 768 -2.67 -9.51 9.08
C THR A 768 -3.16 -9.95 10.46
N ILE A 769 -2.45 -9.58 11.51
CA ILE A 769 -2.78 -9.97 12.88
C ILE A 769 -2.86 -8.69 13.70
N VAL A 770 -4.05 -8.34 14.20
CA VAL A 770 -4.18 -7.16 15.03
C VAL A 770 -3.38 -7.36 16.32
N HIS A 771 -2.75 -6.30 16.81
CA HIS A 771 -1.85 -6.41 17.94
C HIS A 771 -1.73 -5.05 18.62
N GLY A 772 -1.35 -5.06 19.88
CA GLY A 772 -1.18 -3.80 20.62
C GLY A 772 -0.54 -4.08 21.96
N THR A 773 -0.25 -3.00 22.69
CA THR A 773 0.39 -3.07 23.99
C THR A 773 -0.36 -2.18 24.94
N ARG A 774 -0.82 -2.76 26.05
CA ARG A 774 -1.63 -2.00 27.01
C ARG A 774 -0.78 -0.94 27.70
N PRO A 775 -1.39 0.13 28.20
CA PRO A 775 -0.64 1.06 29.05
C PRO A 775 -0.02 0.34 30.25
N LEU A 776 1.10 0.86 30.73
CA LEU A 776 1.80 0.38 31.91
C LEU A 776 1.71 1.39 33.04
N GLN A 777 1.78 0.88 34.26
CA GLN A 777 2.07 1.68 35.44
C GLN A 777 3.21 0.94 36.15
N THR A 778 4.16 1.71 36.70
CA THR A 778 5.32 1.10 37.34
C THR A 778 5.45 1.56 38.77
N THR A 779 6.09 0.72 39.58
CA THR A 779 6.62 1.09 40.89
C THR A 779 8.12 0.84 40.87
N GLY A 780 8.88 1.80 41.38
CA GLY A 780 10.34 1.74 41.33
C GLY A 780 10.88 2.31 40.03
N LYS A 781 12.15 2.04 39.73
CA LYS A 781 12.82 2.65 38.57
C LYS A 781 12.73 1.82 37.30
N ILE A 782 12.13 0.63 37.39
CA ILE A 782 12.01 -0.32 36.27
C ILE A 782 11.69 0.38 34.94
N ILE A 783 12.43 0.05 33.90
CA ILE A 783 12.11 0.47 32.53
C ILE A 783 11.97 -0.78 31.69
N ARG A 784 10.82 -0.91 31.01
CA ARG A 784 10.63 -1.94 29.99
C ARG A 784 10.96 -1.30 28.63
N TRP A 785 12.04 -1.80 28.03
CA TRP A 785 12.44 -1.36 26.69
C TRP A 785 11.83 -2.29 25.65
N GLY A 786 11.06 -1.72 24.73
CA GLY A 786 10.48 -2.47 23.63
C GLY A 786 11.10 -2.05 22.31
N SER A 787 11.28 -3.01 21.41
CA SER A 787 11.91 -2.75 20.13
C SER A 787 11.34 -3.64 19.03
N SER A 788 10.92 -2.99 17.96
CA SER A 788 10.51 -3.69 16.77
C SER A 788 11.64 -3.70 15.71
N HIS A 789 11.93 -4.88 15.16
CA HIS A 789 12.77 -5.02 13.98
C HIS A 789 11.87 -5.31 12.79
N PHE A 790 11.87 -4.43 11.81
CA PHE A 790 10.92 -4.61 10.71
C PHE A 790 11.43 -4.13 9.36
N LEU A 791 10.66 -4.43 8.33
CA LEU A 791 10.96 -4.09 6.95
C LEU A 791 9.99 -2.99 6.56
N ARG A 792 10.49 -1.76 6.42
CA ARG A 792 9.66 -0.66 5.97
C ARG A 792 9.99 -0.46 4.48
N PHE A 793 9.15 -0.99 3.60
CA PHE A 793 9.59 -1.19 2.23
C PHE A 793 9.76 0.09 1.42
N LYS A 794 9.10 1.18 1.80
CA LYS A 794 9.25 2.40 1.03
C LYS A 794 10.70 2.89 1.06
N ASP A 795 11.35 2.79 2.23
CA ASP A 795 12.74 3.21 2.37
C ASP A 795 13.67 2.37 1.50
N VAL A 796 13.49 1.05 1.52
CA VAL A 796 14.38 0.17 0.75
C VAL A 796 14.11 0.27 -0.76
N ASN A 797 12.88 0.61 -1.16
CA ASN A 797 12.61 0.88 -2.58
C ASN A 797 13.28 2.16 -3.06
N ALA A 798 13.05 3.27 -2.34
CA ALA A 798 13.70 4.54 -2.65
C ALA A 798 15.24 4.42 -2.67
N LEU A 799 15.81 3.72 -1.68
CA LEU A 799 17.27 3.56 -1.66
C LEU A 799 17.78 2.70 -2.81
N ALA A 800 17.14 1.55 -3.05
CA ALA A 800 17.45 0.73 -4.21
C ALA A 800 17.43 1.58 -5.47
N GLN A 801 16.48 2.52 -5.53
CA GLN A 801 16.33 3.38 -6.69
C GLN A 801 17.45 4.38 -6.76
N LEU A 802 17.84 4.96 -5.62
CA LEU A 802 18.97 5.87 -5.59
C LEU A 802 20.27 5.16 -5.93
N GLY A 803 20.41 3.93 -5.45
CA GLY A 803 21.58 3.11 -5.77
C GLY A 803 21.71 2.89 -7.26
N ALA A 804 20.57 2.69 -7.93
CA ALA A 804 20.57 2.45 -9.36
C ALA A 804 20.97 3.69 -10.14
N ALA A 805 20.53 4.86 -9.65
CA ALA A 805 20.75 6.13 -10.35
C ALA A 805 22.18 6.61 -10.13
N TYR A 806 22.73 6.41 -8.93
CA TYR A 806 24.04 6.98 -8.64
C TYR A 806 25.16 5.98 -8.37
N GLY A 807 24.81 4.74 -8.06
CA GLY A 807 25.82 3.81 -7.60
C GLY A 807 25.71 3.70 -6.10
N VAL A 808 25.63 2.45 -5.61
CA VAL A 808 25.50 2.20 -4.16
C VAL A 808 26.60 2.89 -3.35
N ASP A 809 27.86 2.74 -3.76
CA ASP A 809 28.95 3.29 -2.95
C ASP A 809 29.15 4.79 -3.11
N GLU A 810 28.46 5.40 -4.08
CA GLU A 810 28.60 6.82 -4.34
C GLU A 810 27.73 7.65 -3.40
N LEU A 811 26.81 6.99 -2.71
CA LEU A 811 25.82 7.70 -1.92
C LEU A 811 26.47 8.43 -0.75
N ASP A 812 27.43 7.76 -0.08
CA ASP A 812 28.15 8.36 1.04
C ASP A 812 28.89 9.62 0.62
N ALA A 813 29.57 9.56 -0.53
CA ALA A 813 30.26 10.75 -1.03
C ALA A 813 29.27 11.87 -1.34
N LYS A 814 28.13 11.51 -1.98
CA LYS A 814 27.09 12.50 -2.28
C LYS A 814 26.52 13.08 -1.00
N GLN A 815 26.33 12.25 0.02
CA GLN A 815 25.82 12.73 1.29
C GLN A 815 26.77 13.71 1.94
N ARG A 816 28.06 13.34 1.98
CA ARG A 816 29.11 14.22 2.48
C ARG A 816 29.10 15.57 1.74
N ASP A 817 29.04 15.56 0.40
CA ASP A 817 28.95 16.81 -0.39
C ASP A 817 27.74 17.64 -0.03
N GLN A 818 26.56 16.99 0.05
CA GLN A 818 25.32 17.73 0.26
C GLN A 818 25.25 18.33 1.66
N LEU A 819 25.89 17.68 2.63
CA LEU A 819 26.02 18.24 3.97
C LEU A 819 26.88 19.50 4.00
N GLU A 820 28.01 19.49 3.27
CA GLU A 820 28.90 20.66 3.20
C GLU A 820 28.24 21.83 2.51
N GLU A 821 27.63 21.57 1.34
CA GLU A 821 26.95 22.64 0.59
C GLU A 821 25.85 23.30 1.42
N VAL A 822 25.13 22.51 2.23
CA VAL A 822 24.04 23.06 3.03
C VAL A 822 24.56 23.82 4.24
N ASP A 823 25.60 23.29 4.90
CA ASP A 823 26.22 23.98 6.02
C ASP A 823 26.84 25.29 5.60
N ALA A 824 27.50 25.31 4.44
CA ALA A 824 28.06 26.53 3.87
C ALA A 824 26.98 27.58 3.66
N ALA A 825 25.89 27.20 3.00
CA ALA A 825 24.77 28.10 2.75
C ALA A 825 24.16 28.65 4.04
N ASN A 826 24.03 27.79 5.05
CA ASN A 826 23.55 28.20 6.37
C ASN A 826 24.56 29.11 7.07
N SER A 827 25.85 28.78 6.93
CA SER A 827 26.93 29.57 7.53
C SER A 827 27.19 30.89 6.82
N LYS A 828 26.72 31.03 5.58
CA LYS A 828 26.94 32.23 4.78
C LYS A 828 25.71 33.16 4.75
N ASP A 829 24.55 32.64 4.34
CA ASP A 829 23.36 33.48 4.08
C ASP A 829 22.11 33.17 4.91
N GLY A 830 22.22 32.30 5.92
CA GLY A 830 21.13 32.05 6.87
C GLY A 830 20.33 30.80 6.56
N VAL A 831 19.44 30.45 7.51
CA VAL A 831 18.60 29.23 7.44
C VAL A 831 17.76 29.17 6.16
N GLY A 832 17.15 30.30 5.78
CA GLY A 832 16.30 30.35 4.58
C GLY A 832 17.03 30.04 3.28
N ALA A 833 18.28 30.48 3.17
CA ALA A 833 19.13 30.15 2.02
C ALA A 833 19.60 28.70 2.04
N ALA A 834 19.76 28.13 3.25
CA ALA A 834 20.13 26.73 3.40
C ALA A 834 18.98 25.82 2.99
N ARG A 835 17.77 26.17 3.41
CA ARG A 835 16.57 25.37 3.09
C ARG A 835 16.20 25.48 1.61
N ARG A 836 16.65 26.55 0.96
CA ARG A 836 16.57 26.68 -0.50
C ARG A 836 17.49 25.67 -1.19
N VAL A 837 18.68 25.47 -0.64
CA VAL A 837 19.65 24.51 -1.19
C VAL A 837 19.18 23.06 -0.99
N ALA A 838 18.68 22.76 0.21
CA ALA A 838 18.06 21.46 0.49
C ALA A 838 16.91 21.18 -0.50
N SER A 839 15.99 22.13 -0.60
CA SER A 839 14.87 22.06 -1.54
C SER A 839 15.32 21.70 -2.96
N CYS A 840 16.44 22.29 -3.41
CA CYS A 840 17.03 21.98 -4.71
C CYS A 840 17.48 20.53 -4.83
N MET A 841 18.16 20.03 -3.80
CA MET A 841 18.62 18.65 -3.77
C MET A 841 17.46 17.67 -3.74
N ALA A 842 16.39 18.02 -3.02
CA ALA A 842 15.20 17.16 -2.94
C ALA A 842 14.60 16.91 -4.32
N ALA A 843 14.44 17.99 -5.10
CA ALA A 843 13.88 17.88 -6.45
C ALA A 843 14.76 17.04 -7.38
N GLU A 844 16.08 17.24 -7.28
CA GLU A 844 17.01 16.42 -8.07
C GLU A 844 16.96 14.93 -7.69
N ARG A 845 16.99 14.64 -6.38
CA ARG A 845 16.80 13.30 -5.87
C ARG A 845 15.47 12.71 -6.34
N LYS A 846 14.40 13.51 -6.22
CA LYS A 846 13.06 13.06 -6.62
C LYS A 846 13.07 12.64 -8.09
N ALA A 847 13.67 13.46 -8.94
CA ALA A 847 13.77 13.14 -10.35
C ALA A 847 14.50 11.81 -10.58
N ALA A 848 15.59 11.57 -9.84
CA ALA A 848 16.37 10.36 -10.04
C ALA A 848 15.59 9.11 -9.62
N ILE A 849 14.94 9.18 -8.45
CA ILE A 849 14.11 8.09 -7.94
C ILE A 849 12.98 7.76 -8.91
N GLU A 850 12.24 8.79 -9.35
CA GLU A 850 11.12 8.61 -10.27
C GLU A 850 11.52 7.84 -11.53
N ALA A 851 12.63 8.24 -12.14
CA ALA A 851 13.11 7.57 -13.35
C ALA A 851 13.48 6.10 -13.11
N GLN A 852 14.07 5.79 -11.95
CA GLN A 852 14.37 4.40 -11.63
C GLN A 852 13.11 3.61 -11.25
N LYS A 853 12.20 4.25 -10.53
CA LYS A 853 10.92 3.62 -10.18
C LYS A 853 10.16 3.27 -11.49
N ALA A 854 10.20 4.18 -12.46
CA ALA A 854 9.62 3.93 -13.78
C ALA A 854 10.37 2.84 -14.57
N ALA A 855 11.66 2.69 -14.33
CA ALA A 855 12.36 1.56 -14.92
C ALA A 855 12.20 0.29 -14.08
N CYS A 856 11.22 0.31 -13.16
CA CYS A 856 10.84 -0.86 -12.36
C CYS A 856 11.94 -1.34 -11.40
N VAL A 857 12.80 -0.41 -10.95
CA VAL A 857 13.79 -0.80 -9.93
C VAL A 857 13.10 -0.89 -8.58
N ARG A 858 13.36 -1.99 -7.88
CA ARG A 858 12.69 -2.33 -6.64
C ARG A 858 13.71 -2.90 -5.65
N GLY A 859 13.54 -2.56 -4.38
CA GLY A 859 14.28 -3.22 -3.31
C GLY A 859 13.65 -4.50 -2.77
N VAL A 860 12.32 -4.62 -2.91
CA VAL A 860 11.53 -5.76 -2.44
C VAL A 860 10.52 -6.18 -3.50
N VAL A 861 10.07 -7.42 -3.41
CA VAL A 861 8.96 -7.92 -4.23
C VAL A 861 7.65 -7.42 -3.64
N MET A 862 6.78 -6.86 -4.49
CA MET A 862 5.50 -6.38 -4.00
C MET A 862 4.33 -6.78 -4.87
N ASN A 863 3.20 -7.06 -4.23
CA ASN A 863 1.93 -7.26 -4.90
C ASN A 863 1.67 -6.04 -5.80
N PRO A 864 1.62 -6.24 -7.13
CA PRO A 864 1.33 -5.09 -8.02
C PRO A 864 -0.11 -4.60 -7.85
N CYS A 865 -1.00 -5.50 -7.45
CA CYS A 865 -2.41 -5.18 -7.16
C CYS A 865 -2.49 -4.26 -5.94
N THR A 866 -1.88 -4.65 -4.82
CA THR A 866 -2.04 -3.94 -3.56
C THR A 866 -1.00 -2.86 -3.28
N GLY A 867 0.16 -2.93 -3.96
CA GLY A 867 1.32 -2.10 -3.62
C GLY A 867 1.92 -2.45 -2.27
N ARG A 868 1.64 -3.66 -1.79
CA ARG A 868 2.09 -4.13 -0.49
C ARG A 868 2.69 -5.53 -0.66
N MET A 869 3.26 -6.06 0.43
CA MET A 869 3.87 -7.37 0.39
C MET A 869 2.75 -8.40 0.58
N PRO A 870 3.01 -9.69 0.30
CA PRO A 870 1.90 -10.65 0.44
C PRO A 870 1.48 -10.81 1.91
N SER A 871 0.25 -11.25 2.13
CA SER A 871 -0.26 -11.34 3.51
C SER A 871 0.41 -12.42 4.34
N LEU A 872 0.94 -13.46 3.67
CA LEU A 872 1.69 -14.54 4.32
C LEU A 872 2.41 -15.34 3.25
N LEU A 873 3.34 -16.19 3.68
CA LEU A 873 4.14 -16.97 2.72
C LEU A 873 4.25 -18.40 3.19
N PHE A 874 4.54 -19.29 2.23
CA PHE A 874 4.91 -20.68 2.51
C PHE A 874 3.74 -21.55 2.97
N TRP A 875 2.53 -21.18 2.57
CA TRP A 875 1.35 -22.03 2.73
C TRP A 875 1.64 -23.47 2.37
N GLN A 876 1.20 -24.38 3.23
CA GLN A 876 1.29 -25.82 2.99
C GLN A 876 -0.10 -26.43 2.91
N VAL A 877 -0.37 -27.11 1.80
CA VAL A 877 -1.65 -27.76 1.56
C VAL A 877 -1.62 -29.18 2.15
N TRP A 878 -2.64 -29.52 2.94
CA TRP A 878 -2.80 -30.86 3.50
C TRP A 878 -4.02 -31.57 2.91
N ARG A 879 -3.84 -32.84 2.53
CA ARG A 879 -4.93 -33.68 2.03
C ARG A 879 -4.77 -35.13 2.47
N LYS A 880 -5.84 -35.69 3.04
CA LYS A 880 -5.86 -37.08 3.51
C LYS A 880 -7.01 -37.82 2.83
N PRO A 881 -6.82 -38.25 1.56
CA PRO A 881 -7.86 -39.08 0.92
C PRO A 881 -7.90 -40.49 1.54
N PRO A 882 -9.03 -41.21 1.43
CA PRO A 882 -9.10 -42.54 2.05
C PRO A 882 -8.82 -43.68 1.08
FE FE B . 2.64 -2.56 15.07
C1 CIT C . -7.92 16.76 -12.15
O1 CIT C . -9.18 16.77 -12.09
O2 CIT C . -7.23 16.87 -11.10
C2 CIT C . -7.25 16.65 -13.52
C3 CIT C . -6.55 15.31 -13.81
O7 CIT C . -6.75 14.38 -12.72
C4 CIT C . -7.11 14.68 -15.12
C5 CIT C . -8.26 13.69 -14.98
O3 CIT C . -8.12 12.49 -15.33
O4 CIT C . -9.38 14.06 -14.56
C6 CIT C . -5.03 15.54 -13.99
O5 CIT C . -4.30 14.66 -14.52
O6 CIT C . -4.52 16.62 -13.60
#